data_9JOF
#
_entry.id   9JOF
#
_cell.length_a   54.819
_cell.length_b   138.329
_cell.length_c   63.062
_cell.angle_alpha   90.00
_cell.angle_beta   113.79
_cell.angle_gamma   90.00
#
_symmetry.space_group_name_H-M   'P 1 21 1'
#
loop_
_entity.id
_entity.type
_entity.pdbx_description
1 polymer endo-1.3-fucanase
2 branched alpha-L-fucopyranose-(1-3)-2,4-di-O-sulfo-alpha-L-fucopyranose-(1-3)-2-O-sulfo-alpha-L-fucopyranose
3 water water
#
_entity_poly.entity_id   1
_entity_poly.type   'polypeptide(L)'
_entity_poly.pdbx_seq_one_letter_code
;MGSSHHHHHHSSGLVPRGSHMASMTGGQQMGRGSSTKNGIIELEQETEEELEQNQEIDYSNYPEFSWDTMPLYMHVRKNT
AYTDEEINYLASFPLITLEKSQAQNTYGSTEEGTLATASAIKLKNNKAKVLYYRNVVINWGNYKNDDEFISKNPSALLKN
QNNELVYMPNGSTPFFDITKSFVQEYWLKSVEDMVATPNIDGTFIDANIKVLVPSFFSSKVGVNKQAEIENSYFSMMSRL
KESLSNNLILANIIRVRPEFEENGLEYLGYFNGSYLEGFDSEAFGMSNAEYLVEGIEATQKAAQSGKIITMTLGLGEAID
NNTGIDDQREDVDLNDEELNKRVDYLLAIFLICAEKYSYVYLHDGYLATNSAVWLHQFDQYKKALGAPLGKAIKNGYIYT
RKFENLDVWLNLETQTATLTWKE
;
_entity_poly.pdbx_strand_id   A,B
#
loop_
_chem_comp.id
_chem_comp.type
_chem_comp.name
_chem_comp.formula
FUC L-saccharide, alpha linking alpha-L-fucopyranose 'C6 H12 O5'
X2Y L-saccharide, alpha linking 2,4-di-O-sulfo-alpha-L-fucopyranose 'C6 H12 O11 S2'
X6Y L-saccharide, alpha linking 2-O-sulfo-alpha-L-fucopyranose 'C6 H12 O8 S'
#
# COMPACT_ATOMS: atom_id res chain seq x y z
N GLN A 53 30.73 1.64 -19.36
CA GLN A 53 31.11 0.47 -20.09
C GLN A 53 30.01 0.12 -21.07
N ASN A 54 29.51 1.12 -21.79
CA ASN A 54 28.41 0.85 -22.70
C ASN A 54 28.90 0.14 -23.96
N GLN A 55 28.09 -0.78 -24.45
CA GLN A 55 28.41 -1.46 -25.69
C GLN A 55 28.07 -0.57 -26.88
N GLU A 56 28.76 -0.83 -28.00
CA GLU A 56 28.43 -0.17 -29.27
C GLU A 56 26.96 -0.43 -29.62
N ILE A 57 26.25 0.62 -30.03
CA ILE A 57 24.79 0.50 -30.15
C ILE A 57 24.44 -0.36 -31.35
N ASP A 58 23.60 -1.35 -31.13
CA ASP A 58 23.06 -2.22 -32.16
C ASP A 58 21.56 -2.27 -31.94
N TYR A 59 20.80 -1.74 -32.90
CA TYR A 59 19.35 -1.69 -32.79
C TYR A 59 18.63 -2.92 -33.32
N SER A 60 19.36 -3.99 -33.64
CA SER A 60 18.74 -5.16 -34.27
C SER A 60 17.52 -5.65 -33.50
N ASN A 61 17.60 -5.69 -32.18
CA ASN A 61 16.57 -6.32 -31.37
C ASN A 61 15.69 -5.30 -30.66
N TYR A 62 15.76 -4.04 -31.04
CA TYR A 62 14.98 -3.01 -30.39
C TYR A 62 13.51 -3.09 -30.82
N PRO A 63 12.62 -2.49 -30.03
CA PRO A 63 11.20 -2.46 -30.40
C PRO A 63 10.96 -1.53 -31.58
N GLU A 64 9.75 -1.63 -32.13
CA GLU A 64 9.34 -0.64 -33.10
C GLU A 64 9.26 0.73 -32.42
N PHE A 65 9.45 1.77 -33.23
CA PHE A 65 9.33 3.14 -32.77
C PHE A 65 8.87 4.02 -33.92
N SER A 66 7.98 4.95 -33.59
CA SER A 66 7.56 5.99 -34.53
C SER A 66 7.29 7.27 -33.77
N TRP A 67 7.64 8.39 -34.38
CA TRP A 67 7.26 9.70 -33.87
C TRP A 67 5.85 10.12 -34.29
N ASP A 68 5.12 9.30 -35.06
CA ASP A 68 3.88 9.79 -35.66
C ASP A 68 2.89 10.24 -34.59
N THR A 69 2.75 9.45 -33.52
CA THR A 69 1.92 9.75 -32.35
C THR A 69 2.75 9.36 -31.12
N MET A 70 2.21 9.63 -29.94
CA MET A 70 2.94 9.42 -28.69
C MET A 70 3.48 8.00 -28.61
N PRO A 71 4.79 7.82 -28.35
CA PRO A 71 5.33 6.47 -28.17
C PRO A 71 5.03 5.97 -26.75
N LEU A 72 4.34 4.83 -26.66
CA LEU A 72 3.74 4.36 -25.42
C LEU A 72 4.37 3.07 -24.91
N TYR A 73 4.45 2.99 -23.58
CA TYR A 73 4.96 1.84 -22.85
C TYR A 73 3.86 1.24 -22.01
N MET A 74 3.87 -0.08 -21.85
CA MET A 74 2.94 -0.73 -20.93
C MET A 74 3.72 -1.59 -19.95
N HIS A 75 3.22 -1.63 -18.71
CA HIS A 75 3.90 -2.26 -17.59
C HIS A 75 2.76 -2.78 -16.71
N VAL A 76 2.59 -4.09 -16.62
CA VAL A 76 1.27 -4.58 -16.21
C VAL A 76 1.30 -5.96 -15.54
N ARG A 77 0.36 -6.15 -14.62
CA ARG A 77 0.01 -7.47 -14.11
C ARG A 77 -1.50 -7.53 -13.92
N LYS A 78 -1.99 -8.77 -13.77
CA LYS A 78 -3.38 -9.10 -13.51
C LYS A 78 -3.37 -10.45 -12.83
N ASN A 79 -4.25 -10.68 -11.87
CA ASN A 79 -4.17 -11.92 -11.11
C ASN A 79 -4.74 -13.11 -11.87
N THR A 80 -5.56 -12.85 -12.88
CA THR A 80 -6.15 -13.87 -13.75
C THR A 80 -5.81 -13.51 -15.19
N ALA A 81 -6.11 -14.43 -16.11
CA ALA A 81 -5.82 -14.22 -17.52
C ALA A 81 -6.46 -12.95 -18.05
N TYR A 82 -5.74 -12.30 -18.98
CA TYR A 82 -6.32 -11.18 -19.71
C TYR A 82 -7.45 -11.68 -20.60
N THR A 83 -8.47 -10.84 -20.76
CA THR A 83 -9.47 -11.12 -21.76
C THR A 83 -8.91 -10.91 -23.17
N ASP A 84 -9.66 -11.38 -24.16
CA ASP A 84 -9.26 -11.15 -25.54
C ASP A 84 -9.08 -9.65 -25.82
N GLU A 85 -10.03 -8.84 -25.35
CA GLU A 85 -9.94 -7.40 -25.55
C GLU A 85 -8.67 -6.86 -24.92
N GLU A 86 -8.33 -7.35 -23.72
CA GLU A 86 -7.15 -6.86 -23.02
C GLU A 86 -5.87 -7.27 -23.74
N ILE A 87 -5.82 -8.49 -24.28
CA ILE A 87 -4.67 -8.91 -25.08
C ILE A 87 -4.50 -8.00 -26.29
N ASN A 88 -5.61 -7.66 -26.96
CA ASN A 88 -5.51 -6.76 -28.11
C ASN A 88 -4.94 -5.42 -27.68
N TYR A 89 -5.37 -4.93 -26.52
CA TYR A 89 -4.81 -3.69 -25.98
C TYR A 89 -3.32 -3.82 -25.75
N LEU A 90 -2.90 -4.85 -25.03
CA LEU A 90 -1.46 -5.03 -24.77
C LEU A 90 -0.67 -5.09 -26.07
N ALA A 91 -1.17 -5.82 -27.07
CA ALA A 91 -0.44 -6.02 -28.30
C ALA A 91 -0.29 -4.74 -29.12
N SER A 92 -1.09 -3.71 -28.81
CA SER A 92 -0.99 -2.42 -29.48
C SER A 92 0.18 -1.58 -28.98
N PHE A 93 0.86 -1.99 -27.91
CA PHE A 93 2.00 -1.24 -27.39
C PHE A 93 3.29 -1.78 -27.99
N PRO A 94 4.27 -0.93 -28.30
CA PRO A 94 5.52 -1.45 -28.87
C PRO A 94 6.39 -2.18 -27.87
N LEU A 95 6.26 -1.86 -26.59
CA LEU A 95 7.12 -2.44 -25.57
C LEU A 95 6.27 -2.65 -24.32
N ILE A 96 6.25 -3.89 -23.83
CA ILE A 96 5.40 -4.31 -22.70
C ILE A 96 6.28 -5.05 -21.70
N THR A 97 6.23 -4.64 -20.44
CA THR A 97 6.81 -5.43 -19.35
C THR A 97 5.70 -6.15 -18.60
N LEU A 98 5.86 -7.45 -18.49
CA LEU A 98 4.98 -8.28 -17.67
C LEU A 98 5.57 -8.36 -16.27
N GLU A 99 4.87 -7.77 -15.30
CA GLU A 99 5.25 -7.73 -13.90
C GLU A 99 5.16 -9.11 -13.23
N LYS A 100 5.69 -9.15 -12.01
CA LYS A 100 5.45 -10.25 -11.10
C LYS A 100 3.96 -10.46 -10.88
N SER A 101 3.62 -11.63 -10.31
CA SER A 101 2.24 -12.04 -10.11
C SER A 101 1.45 -11.90 -11.42
N GLN A 102 1.89 -12.69 -12.39
CA GLN A 102 1.35 -12.60 -13.74
C GLN A 102 0.34 -13.72 -13.98
N ALA A 103 -0.92 -13.40 -13.76
CA ALA A 103 -2.06 -14.30 -14.06
C ALA A 103 -1.96 -15.62 -13.32
N GLN A 104 -1.37 -15.61 -12.11
CA GLN A 104 -1.10 -16.85 -11.38
C GLN A 104 -2.37 -17.52 -10.87
N ASN A 105 -3.47 -16.79 -10.74
CA ASN A 105 -4.69 -17.44 -10.27
C ASN A 105 -5.45 -18.12 -11.39
N THR A 106 -5.04 -17.92 -12.65
CA THR A 106 -5.51 -18.71 -13.77
C THR A 106 -4.55 -19.82 -14.13
N TYR A 107 -3.24 -19.53 -14.18
CA TYR A 107 -2.23 -20.46 -14.68
C TYR A 107 -1.40 -21.12 -13.58
N GLY A 108 -1.68 -20.86 -12.31
CA GLY A 108 -1.03 -21.51 -11.19
C GLY A 108 0.26 -20.86 -10.73
N SER A 109 0.91 -20.09 -11.59
CA SER A 109 2.22 -19.54 -11.28
C SER A 109 2.47 -18.38 -12.24
N THR A 110 3.37 -17.49 -11.84
CA THR A 110 3.79 -16.42 -12.72
C THR A 110 4.55 -16.95 -13.92
N GLU A 111 5.35 -17.99 -13.75
CA GLU A 111 6.06 -18.52 -14.90
C GLU A 111 5.09 -18.95 -16.00
N GLU A 112 4.08 -19.75 -15.64
CA GLU A 112 3.12 -20.21 -16.64
C GLU A 112 2.20 -19.09 -17.11
N GLY A 113 1.82 -18.15 -16.23
CA GLY A 113 0.97 -17.06 -16.67
C GLY A 113 1.68 -16.12 -17.61
N THR A 114 2.99 -15.95 -17.41
CA THR A 114 3.81 -15.17 -18.33
C THR A 114 3.85 -15.83 -19.70
N LEU A 115 4.11 -17.13 -19.75
CA LEU A 115 4.16 -17.82 -21.04
C LEU A 115 2.84 -17.69 -21.77
N ALA A 116 1.73 -17.87 -21.07
CA ALA A 116 0.42 -17.80 -21.72
C ALA A 116 0.13 -16.39 -22.20
N THR A 117 0.44 -15.38 -21.40
CA THR A 117 0.17 -14.01 -21.80
C THR A 117 1.03 -13.61 -22.98
N ALA A 118 2.32 -13.93 -22.94
CA ALA A 118 3.21 -13.57 -24.03
C ALA A 118 2.79 -14.26 -25.32
N SER A 119 2.39 -15.54 -25.24
CA SER A 119 1.94 -16.22 -26.45
C SER A 119 0.75 -15.51 -27.07
N ALA A 120 -0.21 -15.13 -26.24
CA ALA A 120 -1.42 -14.47 -26.73
C ALA A 120 -1.10 -13.11 -27.34
N ILE A 121 -0.21 -12.34 -26.71
CA ILE A 121 0.18 -11.04 -27.28
C ILE A 121 0.81 -11.24 -28.66
N LYS A 122 1.74 -12.19 -28.76
CA LYS A 122 2.49 -12.37 -30.00
C LYS A 122 1.60 -12.85 -31.14
N LEU A 123 0.58 -13.65 -30.83
CA LEU A 123 -0.36 -14.07 -31.87
C LEU A 123 -1.15 -12.90 -32.42
N LYS A 124 -1.40 -11.86 -31.60
CA LYS A 124 -2.08 -10.68 -32.10
C LYS A 124 -1.13 -9.74 -32.81
N ASN A 125 0.09 -9.55 -32.29
CA ASN A 125 1.06 -8.64 -32.91
C ASN A 125 2.46 -9.16 -32.60
N ASN A 126 3.07 -9.86 -33.57
CA ASN A 126 4.37 -10.45 -33.30
CA ASN A 126 4.37 -10.45 -33.30
C ASN A 126 5.49 -9.41 -33.25
N LYS A 127 5.21 -8.16 -33.59
CA LYS A 127 6.21 -7.11 -33.49
C LYS A 127 6.27 -6.47 -32.11
N ALA A 128 5.29 -6.73 -31.25
CA ALA A 128 5.31 -6.21 -29.89
C ALA A 128 6.46 -6.88 -29.13
N LYS A 129 7.23 -6.08 -28.40
CA LYS A 129 8.31 -6.62 -27.58
C LYS A 129 7.82 -6.82 -26.16
N VAL A 130 8.08 -8.01 -25.61
CA VAL A 130 7.59 -8.43 -24.31
C VAL A 130 8.77 -8.76 -23.41
N LEU A 131 8.85 -8.06 -22.27
CA LEU A 131 9.89 -8.25 -21.28
C LEU A 131 9.36 -8.97 -20.04
N TYR A 132 10.20 -9.85 -19.51
CA TYR A 132 9.93 -10.57 -18.27
C TYR A 132 10.53 -9.82 -17.08
N TYR A 133 9.69 -9.42 -16.14
CA TYR A 133 10.19 -8.82 -14.91
C TYR A 133 11.02 -9.82 -14.10
N ARG A 134 12.15 -9.36 -13.56
CA ARG A 134 12.87 -10.14 -12.57
C ARG A 134 13.52 -9.21 -11.56
N ASN A 135 13.23 -9.44 -10.30
CA ASN A 135 13.85 -8.70 -9.23
C ASN A 135 15.17 -9.36 -8.87
N VAL A 136 16.25 -8.57 -8.81
CA VAL A 136 17.56 -9.15 -8.58
C VAL A 136 17.82 -9.52 -7.13
N VAL A 137 17.06 -8.99 -6.17
CA VAL A 137 17.30 -9.33 -4.77
C VAL A 137 16.08 -9.64 -3.93
N ILE A 138 14.88 -9.21 -4.31
CA ILE A 138 13.70 -9.42 -3.47
C ILE A 138 12.99 -10.69 -3.90
N ASN A 139 12.71 -11.56 -2.94
CA ASN A 139 12.06 -12.85 -3.14
C ASN A 139 10.53 -12.70 -3.04
N TRP A 140 9.95 -11.97 -4.00
CA TRP A 140 8.50 -11.80 -4.07
C TRP A 140 7.82 -13.13 -4.37
N GLY A 141 6.54 -13.20 -4.05
CA GLY A 141 5.78 -14.42 -4.18
C GLY A 141 5.33 -14.72 -5.60
N ASN A 142 4.75 -15.92 -5.74
CA ASN A 142 4.01 -16.47 -6.89
C ASN A 142 4.89 -16.97 -8.02
N TYR A 143 6.18 -17.14 -7.79
CA TYR A 143 7.07 -17.89 -8.71
C TYR A 143 7.15 -19.31 -8.19
N LYS A 144 6.53 -20.25 -8.90
CA LYS A 144 6.55 -21.63 -8.42
C LYS A 144 7.98 -22.15 -8.30
N ASN A 145 8.87 -21.79 -9.22
CA ASN A 145 10.22 -22.34 -9.16
C ASN A 145 11.01 -21.70 -8.02
N ASP A 146 10.76 -20.43 -7.73
CA ASP A 146 11.43 -19.81 -6.60
C ASP A 146 10.97 -20.42 -5.29
N ASP A 147 9.67 -20.66 -5.14
CA ASP A 147 9.17 -21.28 -3.92
C ASP A 147 9.85 -22.63 -3.70
N GLU A 148 9.98 -23.43 -4.76
CA GLU A 148 10.62 -24.74 -4.60
C GLU A 148 12.10 -24.58 -4.26
N PHE A 149 12.80 -23.69 -4.94
CA PHE A 149 14.21 -23.43 -4.68
C PHE A 149 14.46 -23.03 -3.24
N ILE A 150 13.66 -22.09 -2.72
CA ILE A 150 13.84 -21.61 -1.36
C ILE A 150 13.45 -22.67 -0.34
N SER A 151 12.38 -23.44 -0.63
CA SER A 151 11.98 -24.54 0.25
C SER A 151 13.11 -25.55 0.41
N LYS A 152 13.72 -25.92 -0.70
CA LYS A 152 14.77 -26.93 -0.70
C LYS A 152 16.10 -26.38 -0.22
N ASN A 153 16.30 -25.06 -0.30
CA ASN A 153 17.60 -24.43 -0.04
C ASN A 153 17.42 -23.18 0.82
N PRO A 154 17.08 -23.36 2.09
CA PRO A 154 16.91 -22.19 2.97
C PRO A 154 18.14 -21.30 3.10
N SER A 155 19.34 -21.82 2.81
CA SER A 155 20.54 -21.01 2.86
C SER A 155 20.59 -19.99 1.73
N ALA A 156 19.64 -20.03 0.80
CA ALA A 156 19.64 -19.07 -0.28
C ALA A 156 19.22 -17.68 0.15
N LEU A 157 18.61 -17.52 1.33
CA LEU A 157 18.08 -16.23 1.76
C LEU A 157 19.10 -15.42 2.57
N LEU A 158 18.98 -14.11 2.47
CA LEU A 158 19.91 -13.16 3.07
C LEU A 158 19.71 -13.01 4.58
N LYS A 159 20.82 -13.04 5.31
CA LYS A 159 20.84 -12.93 6.76
C LYS A 159 21.76 -11.79 7.17
N ASN A 160 21.45 -11.20 8.34
CA ASN A 160 22.32 -10.19 8.92
C ASN A 160 23.47 -10.87 9.67
N GLN A 161 24.33 -10.04 10.27
CA GLN A 161 25.55 -10.55 10.89
C GLN A 161 25.26 -11.35 12.16
N ASN A 162 24.05 -11.24 12.70
CA ASN A 162 23.59 -12.07 13.80
C ASN A 162 22.80 -13.29 13.32
N ASN A 163 22.93 -13.64 12.04
CA ASN A 163 22.33 -14.84 11.47
C ASN A 163 20.80 -14.82 11.47
N GLU A 164 20.19 -13.64 11.37
CA GLU A 164 18.73 -13.53 11.29
C GLU A 164 18.33 -13.13 9.87
N LEU A 165 17.26 -13.74 9.39
CA LEU A 165 16.68 -13.32 8.12
C LEU A 165 16.27 -11.86 8.18
N VAL A 166 16.48 -11.14 7.09
CA VAL A 166 16.04 -9.76 6.98
C VAL A 166 14.97 -9.65 5.91
N TYR A 167 14.13 -8.62 6.04
CA TYR A 167 12.88 -8.56 5.33
C TYR A 167 12.62 -7.17 4.79
N MET A 168 11.69 -7.13 3.83
CA MET A 168 11.13 -5.90 3.33
C MET A 168 10.24 -5.28 4.38
N PRO A 169 9.68 -4.08 4.16
CA PRO A 169 8.87 -3.46 5.23
C PRO A 169 7.66 -4.26 5.64
N ASN A 170 7.14 -5.16 4.81
CA ASN A 170 6.02 -5.99 5.25
C ASN A 170 6.43 -7.03 6.29
N GLY A 171 7.73 -7.18 6.56
CA GLY A 171 8.20 -8.12 7.57
C GLY A 171 8.12 -9.57 7.18
N SER A 172 7.79 -9.88 5.94
CA SER A 172 7.56 -11.26 5.53
C SER A 172 8.26 -11.62 4.22
N THR A 173 8.54 -10.64 3.35
CA THR A 173 9.21 -10.91 2.09
C THR A 173 10.73 -10.80 2.28
N PRO A 174 11.49 -11.88 2.08
CA PRO A 174 12.94 -11.85 2.29
C PRO A 174 13.68 -11.55 1.01
N PHE A 175 15.01 -11.66 1.07
CA PHE A 175 15.90 -11.35 -0.03
C PHE A 175 16.75 -12.56 -0.41
N PHE A 176 17.02 -12.68 -1.71
CA PHE A 176 18.04 -13.63 -2.17
C PHE A 176 19.40 -13.17 -1.68
N ASP A 177 20.21 -14.11 -1.17
CA ASP A 177 21.60 -13.79 -0.89
C ASP A 177 22.41 -14.09 -2.14
N ILE A 178 22.52 -13.06 -2.98
CA ILE A 178 23.16 -13.22 -4.29
C ILE A 178 24.66 -13.31 -4.17
N THR A 179 25.22 -13.20 -2.95
CA THR A 179 26.66 -13.43 -2.80
C THR A 179 27.02 -14.90 -2.90
N LYS A 180 26.04 -15.79 -2.80
CA LYS A 180 26.28 -17.23 -2.84
C LYS A 180 26.22 -17.72 -4.28
N SER A 181 27.25 -18.47 -4.68
CA SER A 181 27.34 -18.92 -6.06
C SER A 181 26.08 -19.64 -6.50
N PHE A 182 25.53 -20.55 -5.68
CA PHE A 182 24.40 -21.33 -6.17
C PHE A 182 23.15 -20.47 -6.35
N VAL A 183 23.04 -19.38 -5.59
CA VAL A 183 21.94 -18.44 -5.78
C VAL A 183 22.13 -17.67 -7.08
N GLN A 184 23.34 -17.19 -7.33
CA GLN A 184 23.62 -16.54 -8.62
C GLN A 184 23.24 -17.45 -9.77
N GLU A 185 23.65 -18.71 -9.71
CA GLU A 185 23.41 -19.61 -10.82
C GLU A 185 21.92 -19.91 -10.98
N TYR A 186 21.21 -20.10 -9.86
CA TYR A 186 19.77 -20.30 -9.96
C TYR A 186 19.10 -19.09 -10.62
N TRP A 187 19.45 -17.89 -10.16
CA TRP A 187 18.75 -16.69 -10.62
C TRP A 187 19.05 -16.44 -12.08
N LEU A 188 20.33 -16.52 -12.47
CA LEU A 188 20.70 -16.30 -13.87
C LEU A 188 20.01 -17.31 -14.79
N LYS A 189 20.01 -18.59 -14.41
CA LYS A 189 19.34 -19.59 -15.23
C LYS A 189 17.86 -19.30 -15.34
N SER A 190 17.23 -18.82 -14.26
CA SER A 190 15.79 -18.57 -14.33
C SER A 190 15.48 -17.49 -15.36
N VAL A 191 16.31 -16.46 -15.45
CA VAL A 191 16.08 -15.39 -16.41
C VAL A 191 16.38 -15.88 -17.81
N GLU A 192 17.54 -16.52 -17.99
CA GLU A 192 17.95 -16.99 -19.32
C GLU A 192 16.93 -18.00 -19.87
N ASP A 193 16.46 -18.90 -19.02
CA ASP A 193 15.50 -19.90 -19.50
C ASP A 193 14.20 -19.25 -19.94
N MET A 194 13.71 -18.25 -19.21
CA MET A 194 12.45 -17.64 -19.62
C MET A 194 12.63 -16.81 -20.88
N VAL A 195 13.74 -16.05 -20.97
CA VAL A 195 13.97 -15.22 -22.15
C VAL A 195 14.19 -16.08 -23.39
N ALA A 196 14.71 -17.30 -23.22
CA ALA A 196 14.94 -18.16 -24.38
C ALA A 196 13.64 -18.67 -25.02
N THR A 197 12.50 -18.56 -24.34
CA THR A 197 11.25 -19.05 -24.89
C THR A 197 10.78 -18.13 -26.02
N PRO A 198 9.90 -18.61 -26.90
CA PRO A 198 9.75 -17.93 -28.19
C PRO A 198 9.06 -16.59 -28.14
N ASN A 199 8.27 -16.31 -27.09
CA ASN A 199 7.44 -15.11 -27.09
C ASN A 199 7.93 -14.07 -26.11
N ILE A 200 9.09 -14.28 -25.52
CA ILE A 200 9.72 -13.32 -24.60
C ILE A 200 10.96 -12.76 -25.28
N ASP A 201 11.08 -11.44 -25.32
CA ASP A 201 12.16 -10.77 -26.01
C ASP A 201 13.28 -10.31 -25.10
N GLY A 202 13.06 -10.29 -23.79
CA GLY A 202 14.07 -9.77 -22.89
C GLY A 202 13.55 -9.74 -21.48
N THR A 203 14.27 -8.98 -20.65
CA THR A 203 13.98 -8.98 -19.22
C THR A 203 14.05 -7.54 -18.72
N PHE A 204 13.24 -7.27 -17.71
CA PHE A 204 13.22 -6.02 -16.95
C PHE A 204 13.84 -6.35 -15.60
N ILE A 205 15.04 -5.81 -15.34
CA ILE A 205 15.72 -6.07 -14.07
C ILE A 205 15.36 -4.97 -13.08
N ASP A 206 14.89 -5.38 -11.92
CA ASP A 206 14.45 -4.48 -10.88
C ASP A 206 15.29 -4.64 -9.62
N ALA A 207 15.36 -3.54 -8.87
CA ALA A 207 15.98 -3.40 -7.54
C ALA A 207 17.50 -3.21 -7.62
N ASN A 208 17.97 -2.87 -8.82
CA ASN A 208 19.35 -2.42 -8.98
C ASN A 208 19.69 -1.35 -7.96
N ILE A 209 18.77 -0.41 -7.73
CA ILE A 209 19.08 0.73 -6.87
C ILE A 209 19.16 0.32 -5.41
N LYS A 210 18.41 -0.72 -5.00
CA LYS A 210 18.55 -1.24 -3.64
C LYS A 210 19.94 -1.85 -3.41
N VAL A 211 20.52 -2.47 -4.43
CA VAL A 211 21.90 -2.95 -4.35
C VAL A 211 22.88 -1.80 -4.28
N LEU A 212 22.69 -0.79 -5.13
CA LEU A 212 23.73 0.19 -5.41
C LEU A 212 23.74 1.39 -4.46
N VAL A 213 22.64 1.67 -3.76
CA VAL A 213 22.61 2.69 -2.72
C VAL A 213 23.10 2.03 -1.44
N PRO A 214 24.30 2.32 -0.94
CA PRO A 214 24.87 1.46 0.11
C PRO A 214 24.01 1.34 1.35
N SER A 215 23.29 2.40 1.75
CA SER A 215 22.58 2.32 3.00
C SER A 215 21.45 1.31 2.98
N PHE A 216 20.92 0.95 1.81
CA PHE A 216 19.77 0.05 1.82
C PHE A 216 20.11 -1.28 2.46
N PHE A 217 21.18 -1.94 1.99
CA PHE A 217 21.57 -3.18 2.63
C PHE A 217 22.53 -2.97 3.79
N SER A 218 23.33 -1.91 3.82
CA SER A 218 24.26 -1.82 4.95
C SER A 218 23.50 -1.67 6.26
N SER A 219 22.32 -1.02 6.24
CA SER A 219 21.51 -0.85 7.43
C SER A 219 20.82 -2.14 7.84
N LYS A 220 20.85 -3.17 7.00
CA LYS A 220 20.22 -4.46 7.30
C LYS A 220 21.22 -5.56 7.59
N VAL A 221 22.34 -5.60 6.85
CA VAL A 221 23.27 -6.71 6.93
C VAL A 221 24.71 -6.27 7.09
N GLY A 222 24.96 -4.96 7.23
CA GLY A 222 26.29 -4.44 7.49
C GLY A 222 27.02 -3.99 6.24
N VAL A 223 28.09 -3.23 6.46
CA VAL A 223 28.84 -2.60 5.38
C VAL A 223 29.54 -3.63 4.50
N ASN A 224 30.16 -4.63 5.10
CA ASN A 224 30.91 -5.57 4.28
C ASN A 224 29.98 -6.41 3.42
N LYS A 225 28.86 -6.86 4.01
CA LYS A 225 27.92 -7.67 3.23
C LYS A 225 27.31 -6.85 2.10
N GLN A 226 27.02 -5.56 2.32
CA GLN A 226 26.54 -4.74 1.21
C GLN A 226 27.54 -4.70 0.08
N ALA A 227 28.84 -4.54 0.39
CA ALA A 227 29.83 -4.51 -0.68
C ALA A 227 29.89 -5.84 -1.41
N GLU A 228 29.70 -6.94 -0.69
CA GLU A 228 29.71 -8.26 -1.30
C GLU A 228 28.49 -8.46 -2.20
N ILE A 229 27.32 -8.00 -1.75
CA ILE A 229 26.12 -8.06 -2.59
C ILE A 229 26.35 -7.27 -3.87
N GLU A 230 26.91 -6.07 -3.76
CA GLU A 230 27.17 -5.23 -4.93
C GLU A 230 28.14 -5.92 -5.89
N ASN A 231 29.22 -6.49 -5.36
CA ASN A 231 30.17 -7.20 -6.23
C ASN A 231 29.48 -8.33 -7.00
N SER A 232 28.65 -9.10 -6.32
CA SER A 232 27.95 -10.19 -6.98
C SER A 232 26.94 -9.68 -7.99
N TYR A 233 26.24 -8.59 -7.66
CA TYR A 233 25.33 -7.96 -8.60
C TYR A 233 26.04 -7.63 -9.90
N PHE A 234 27.22 -7.00 -9.83
CA PHE A 234 27.93 -6.64 -11.06
C PHE A 234 28.30 -7.89 -11.85
N SER A 235 28.74 -8.95 -11.16
CA SER A 235 29.04 -10.21 -11.83
C SER A 235 27.82 -10.74 -12.56
N MET A 236 26.68 -10.67 -11.92
CA MET A 236 25.46 -11.22 -12.49
C MET A 236 25.02 -10.39 -13.70
N MET A 237 25.13 -9.07 -13.62
CA MET A 237 24.75 -8.26 -14.77
C MET A 237 25.70 -8.44 -15.92
N SER A 238 27.00 -8.65 -15.64
CA SER A 238 27.93 -8.98 -16.70
C SER A 238 27.52 -10.27 -17.41
N ARG A 239 27.11 -11.28 -16.63
CA ARG A 239 26.66 -12.53 -17.22
C ARG A 239 25.46 -12.31 -18.16
N LEU A 240 24.46 -11.54 -17.70
CA LEU A 240 23.28 -11.32 -18.54
C LEU A 240 23.61 -10.49 -19.77
N LYS A 241 24.48 -9.50 -19.63
CA LYS A 241 24.85 -8.69 -20.78
C LYS A 241 25.35 -9.57 -21.92
N GLU A 242 26.10 -10.61 -21.60
CA GLU A 242 26.59 -11.55 -22.60
C GLU A 242 25.50 -12.51 -23.06
N SER A 243 24.82 -13.18 -22.12
CA SER A 243 23.89 -14.22 -22.52
C SER A 243 22.66 -13.66 -23.22
N LEU A 244 22.26 -12.42 -22.89
CA LEU A 244 21.10 -11.79 -23.50
C LEU A 244 21.47 -10.78 -24.56
N SER A 245 22.66 -10.91 -25.16
CA SER A 245 23.10 -9.94 -26.15
C SER A 245 22.27 -9.94 -27.43
N ASN A 246 21.48 -10.99 -27.68
CA ASN A 246 20.55 -11.01 -28.79
C ASN A 246 19.11 -10.76 -28.33
N ASN A 247 18.96 -10.17 -27.15
CA ASN A 247 17.68 -9.88 -26.51
C ASN A 247 17.76 -8.47 -25.95
N LEU A 248 16.74 -8.07 -25.19
CA LEU A 248 16.71 -6.77 -24.55
C LEU A 248 16.83 -6.89 -23.05
N ILE A 249 17.58 -5.97 -22.45
CA ILE A 249 17.70 -5.85 -21.00
C ILE A 249 17.36 -4.41 -20.65
N LEU A 250 16.26 -4.21 -19.93
CA LEU A 250 15.83 -2.92 -19.40
C LEU A 250 16.02 -2.97 -17.90
N ALA A 251 16.49 -1.90 -17.29
CA ALA A 251 16.72 -1.88 -15.85
C ALA A 251 16.08 -0.65 -15.22
N ASN A 252 15.63 -0.82 -13.97
CA ASN A 252 15.14 0.28 -13.15
C ASN A 252 16.36 0.92 -12.50
N ILE A 253 17.01 1.86 -13.22
CA ILE A 253 18.32 2.33 -12.81
C ILE A 253 18.53 3.85 -12.82
N ILE A 254 18.02 4.60 -13.81
CA ILE A 254 18.19 6.05 -13.78
C ILE A 254 17.30 6.64 -12.69
N ARG A 255 17.90 7.42 -11.80
CA ARG A 255 17.24 7.91 -10.60
C ARG A 255 18.08 8.99 -9.96
N VAL A 256 17.47 10.12 -9.62
CA VAL A 256 18.21 11.14 -8.87
C VAL A 256 18.56 10.56 -7.51
N ARG A 257 19.85 10.51 -7.19
CA ARG A 257 20.36 9.92 -5.93
C ARG A 257 21.60 10.71 -5.54
N PRO A 258 21.73 11.17 -4.28
CA PRO A 258 22.99 11.80 -3.89
C PRO A 258 24.17 10.84 -4.00
N GLU A 259 23.93 9.54 -3.86
CA GLU A 259 24.96 8.53 -3.93
C GLU A 259 25.45 8.25 -5.35
N PHE A 260 24.68 8.65 -6.37
CA PHE A 260 25.01 8.40 -7.76
C PHE A 260 25.53 9.70 -8.39
N GLU A 261 26.85 9.75 -8.66
CA GLU A 261 27.42 10.96 -9.25
C GLU A 261 26.72 11.34 -10.54
N GLU A 262 26.31 10.35 -11.33
CA GLU A 262 25.66 10.60 -12.61
C GLU A 262 24.20 10.15 -12.63
N ASN A 263 23.60 9.98 -11.45
CA ASN A 263 22.16 9.70 -11.31
C ASN A 263 21.75 8.46 -12.10
N GLY A 264 22.63 7.47 -12.13
CA GLY A 264 22.34 6.19 -12.73
C GLY A 264 22.98 5.95 -14.08
N LEU A 265 23.38 7.02 -14.79
CA LEU A 265 24.01 6.86 -16.09
C LEU A 265 25.28 6.03 -16.01
N GLU A 266 25.98 6.09 -14.89
CA GLU A 266 27.22 5.35 -14.75
C GLU A 266 27.01 3.86 -14.67
N TYR A 267 25.75 3.42 -14.51
CA TYR A 267 25.42 2.02 -14.37
C TYR A 267 24.71 1.45 -15.59
N LEU A 268 24.55 2.24 -16.65
CA LEU A 268 23.79 1.80 -17.80
C LEU A 268 24.55 0.87 -18.72
N GLY A 269 25.83 0.62 -18.46
CA GLY A 269 26.65 -0.14 -19.39
C GLY A 269 26.19 -1.56 -19.59
N TYR A 270 25.45 -2.10 -18.63
CA TYR A 270 24.97 -3.47 -18.74
C TYR A 270 23.69 -3.60 -19.54
N PHE A 271 23.01 -2.49 -19.84
CA PHE A 271 21.60 -2.52 -20.20
C PHE A 271 21.34 -1.82 -21.53
N ASN A 272 20.29 -2.26 -22.21
CA ASN A 272 19.83 -1.56 -23.41
C ASN A 272 19.08 -0.29 -23.09
N GLY A 273 18.64 -0.10 -21.84
CA GLY A 273 17.94 1.11 -21.50
C GLY A 273 17.53 1.10 -20.04
N SER A 274 16.85 2.19 -19.65
CA SER A 274 16.35 2.32 -18.29
C SER A 274 14.87 2.61 -18.29
N TYR A 275 14.19 1.98 -17.33
CA TYR A 275 12.88 2.40 -16.85
C TYR A 275 13.08 3.49 -15.80
N LEU A 276 12.11 4.40 -15.72
CA LEU A 276 12.16 5.49 -14.76
C LEU A 276 10.91 5.46 -13.89
N GLU A 277 11.12 5.49 -12.57
CA GLU A 277 10.07 5.75 -11.60
C GLU A 277 10.61 6.73 -10.55
N GLY A 278 9.72 7.19 -9.68
CA GLY A 278 10.09 8.21 -8.73
C GLY A 278 10.56 9.49 -9.38
N PHE A 279 10.14 9.72 -10.63
CA PHE A 279 10.77 10.75 -11.44
C PHE A 279 10.35 12.14 -11.00
N ASP A 280 9.14 12.27 -10.46
CA ASP A 280 8.65 13.54 -9.94
C ASP A 280 8.44 13.52 -8.44
N SER A 281 9.10 12.62 -7.73
CA SER A 281 8.96 12.44 -6.28
C SER A 281 10.27 12.87 -5.61
N GLU A 282 10.33 14.16 -5.24
CA GLU A 282 11.56 14.71 -4.73
C GLU A 282 11.92 14.15 -3.35
N ALA A 283 13.20 14.26 -3.03
CA ALA A 283 13.78 13.77 -1.79
C ALA A 283 15.07 14.54 -1.54
N PHE A 284 15.76 14.22 -0.45
CA PHE A 284 17.11 14.71 -0.19
C PHE A 284 17.14 16.21 0.06
N GLY A 285 16.02 16.78 0.46
CA GLY A 285 15.92 18.21 0.64
C GLY A 285 15.82 19.00 -0.64
N MET A 286 15.83 18.37 -1.81
CA MET A 286 15.64 19.15 -3.02
C MET A 286 14.18 19.48 -3.26
N SER A 287 13.95 20.64 -3.87
CA SER A 287 12.62 21.01 -4.30
C SER A 287 12.19 20.11 -5.45
N ASN A 288 10.88 20.06 -5.67
CA ASN A 288 10.35 19.29 -6.80
C ASN A 288 11.02 19.72 -8.10
N ALA A 289 11.16 21.03 -8.32
CA ALA A 289 11.76 21.50 -9.56
C ALA A 289 13.23 21.12 -9.66
N GLU A 290 13.99 21.31 -8.58
CA GLU A 290 15.41 20.94 -8.61
C GLU A 290 15.58 19.46 -8.95
N TYR A 291 14.75 18.63 -8.34
CA TYR A 291 14.82 17.19 -8.52
C TYR A 291 14.48 16.79 -9.95
N LEU A 292 13.44 17.40 -10.53
CA LEU A 292 13.11 17.12 -11.92
C LEU A 292 14.18 17.64 -12.88
N VAL A 293 14.81 18.78 -12.57
CA VAL A 293 15.88 19.27 -13.43
C VAL A 293 16.97 18.20 -13.57
N GLU A 294 17.40 17.60 -12.46
CA GLU A 294 18.43 16.57 -12.53
C GLU A 294 17.93 15.33 -13.28
N GLY A 295 16.69 14.91 -13.04
CA GLY A 295 16.19 13.73 -13.72
C GLY A 295 16.06 13.96 -15.22
N ILE A 296 15.63 15.15 -15.62
CA ILE A 296 15.53 15.49 -17.03
C ILE A 296 16.90 15.47 -17.69
N GLU A 297 17.90 16.04 -17.04
CA GLU A 297 19.27 16.02 -17.59
C GLU A 297 19.74 14.58 -17.80
N ALA A 298 19.57 13.72 -16.80
CA ALA A 298 20.03 12.35 -16.93
C ALA A 298 19.31 11.63 -18.05
N THR A 299 18.00 11.84 -18.16
CA THR A 299 17.20 11.14 -19.15
C THR A 299 17.54 11.61 -20.55
N GLN A 300 17.69 12.93 -20.74
CA GLN A 300 18.14 13.46 -22.03
C GLN A 300 19.46 12.83 -22.45
N LYS A 301 20.43 12.76 -21.53
CA LYS A 301 21.74 12.20 -21.87
C LYS A 301 21.61 10.73 -22.26
N ALA A 302 20.87 9.96 -21.47
CA ALA A 302 20.71 8.55 -21.77
C ALA A 302 20.02 8.33 -23.11
N ALA A 303 18.90 9.03 -23.33
CA ALA A 303 18.15 8.90 -24.58
C ALA A 303 19.01 9.31 -25.77
N GLN A 304 19.76 10.40 -25.63
CA GLN A 304 20.58 10.85 -26.75
C GLN A 304 21.73 9.89 -27.02
N SER A 305 22.11 9.06 -26.05
CA SER A 305 23.11 8.02 -26.27
C SER A 305 22.56 6.77 -26.93
N GLY A 306 21.26 6.72 -27.24
CA GLY A 306 20.67 5.59 -27.92
C GLY A 306 20.09 4.52 -27.02
N LYS A 307 19.97 4.81 -25.73
CA LYS A 307 19.38 3.88 -24.78
C LYS A 307 17.88 3.99 -24.81
N ILE A 308 17.20 2.84 -24.65
CA ILE A 308 15.76 2.85 -24.47
C ILE A 308 15.42 3.54 -23.16
N ILE A 309 14.34 4.31 -23.17
CA ILE A 309 13.83 4.97 -21.97
C ILE A 309 12.36 4.61 -21.88
N THR A 310 11.94 4.09 -20.72
CA THR A 310 10.51 3.88 -20.47
C THR A 310 10.13 4.70 -19.24
N MET A 311 9.58 5.87 -19.47
CA MET A 311 9.34 6.81 -18.37
C MET A 311 7.92 6.56 -17.86
N THR A 312 7.82 6.20 -16.58
CA THR A 312 6.52 6.03 -15.94
C THR A 312 6.30 7.22 -15.04
N LEU A 313 5.07 7.73 -15.06
CA LEU A 313 4.66 8.88 -14.27
C LEU A 313 3.26 8.60 -13.75
N GLY A 314 3.06 8.80 -12.45
CA GLY A 314 1.79 8.46 -11.83
C GLY A 314 0.75 9.56 -11.98
N LEU A 315 -0.46 9.15 -12.35
CA LEU A 315 -1.68 9.96 -12.29
C LEU A 315 -2.52 9.66 -11.07
N GLY A 316 -2.11 8.73 -10.21
CA GLY A 316 -2.98 8.29 -9.13
C GLY A 316 -3.49 9.42 -8.26
N GLU A 317 -2.62 10.40 -7.98
CA GLU A 317 -3.01 11.52 -7.13
C GLU A 317 -4.00 12.45 -7.83
N ALA A 318 -3.92 12.55 -9.16
CA ALA A 318 -4.85 13.40 -9.90
C ALA A 318 -6.19 12.71 -10.14
N ILE A 319 -6.25 11.42 -9.97
CA ILE A 319 -7.49 10.69 -10.14
C ILE A 319 -8.18 10.41 -8.82
N ASP A 320 -7.44 10.29 -7.76
CA ASP A 320 -8.05 9.94 -6.50
C ASP A 320 -9.14 10.93 -6.18
N ASN A 321 -10.23 10.44 -5.63
CA ASN A 321 -11.38 11.29 -5.37
C ASN A 321 -12.02 10.95 -4.05
N ASN A 322 -11.26 10.34 -3.17
CA ASN A 322 -11.77 10.05 -1.86
C ASN A 322 -12.92 9.07 -1.89
N THR A 323 -12.81 8.04 -2.71
CA THR A 323 -13.79 6.99 -2.72
C THR A 323 -13.15 5.67 -3.03
N GLY A 324 -13.83 4.58 -2.71
CA GLY A 324 -13.37 3.26 -3.07
C GLY A 324 -12.90 2.41 -1.91
N ILE A 325 -12.80 2.96 -0.71
CA ILE A 325 -12.33 2.18 0.43
C ILE A 325 -13.47 1.45 1.11
N ASP A 326 -14.52 2.19 1.47
CA ASP A 326 -15.73 1.64 2.08
C ASP A 326 -16.96 1.94 1.26
N ASP A 327 -16.78 2.45 0.03
CA ASP A 327 -17.88 2.74 -0.87
C ASP A 327 -17.39 2.45 -2.27
N GLN A 328 -18.31 2.54 -3.24
CA GLN A 328 -17.92 2.37 -4.63
C GLN A 328 -16.92 3.45 -5.03
N ARG A 329 -15.92 3.05 -5.80
CA ARG A 329 -14.98 4.02 -6.31
C ARG A 329 -15.68 4.77 -7.42
N GLU A 330 -15.70 6.08 -7.31
CA GLU A 330 -16.45 6.86 -8.28
C GLU A 330 -15.75 6.84 -9.66
N ASP A 331 -16.55 6.60 -10.72
CA ASP A 331 -15.97 6.57 -12.05
C ASP A 331 -15.30 7.92 -12.34
N VAL A 332 -14.08 7.87 -12.85
CA VAL A 332 -13.34 9.10 -13.14
C VAL A 332 -13.74 9.58 -14.53
N ASP A 333 -13.99 10.89 -14.65
CA ASP A 333 -14.23 11.49 -15.96
C ASP A 333 -12.88 11.66 -16.65
N LEU A 334 -12.56 10.75 -17.56
CA LEU A 334 -11.27 10.82 -18.21
C LEU A 334 -11.18 11.97 -19.20
N ASN A 335 -12.29 12.67 -19.47
CA ASN A 335 -12.27 13.91 -20.24
C ASN A 335 -12.22 15.14 -19.35
N ASP A 336 -12.13 14.97 -18.03
CA ASP A 336 -12.06 16.09 -17.12
C ASP A 336 -10.96 17.08 -17.51
N GLU A 337 -11.29 18.37 -17.47
CA GLU A 337 -10.35 19.39 -17.91
C GLU A 337 -9.10 19.42 -17.03
N GLU A 338 -9.27 19.35 -15.71
CA GLU A 338 -8.12 19.38 -14.82
C GLU A 338 -7.26 18.14 -14.98
N LEU A 339 -7.87 16.97 -15.14
CA LEU A 339 -7.08 15.76 -15.35
C LEU A 339 -6.27 15.88 -16.63
N ASN A 340 -6.85 16.48 -17.66
CA ASN A 340 -6.13 16.56 -18.92
C ASN A 340 -5.02 17.60 -18.87
N LYS A 341 -5.14 18.63 -18.02
CA LYS A 341 -4.00 19.50 -17.76
C LYS A 341 -2.86 18.73 -17.12
N ARG A 342 -3.19 17.77 -16.24
CA ARG A 342 -2.15 16.97 -15.62
C ARG A 342 -1.51 16.03 -16.63
N VAL A 343 -2.31 15.46 -17.52
CA VAL A 343 -1.76 14.64 -18.60
C VAL A 343 -0.82 15.48 -19.47
N ASP A 344 -1.25 16.70 -19.82
CA ASP A 344 -0.38 17.58 -20.61
C ASP A 344 0.95 17.82 -19.91
N TYR A 345 0.91 18.09 -18.62
CA TYR A 345 2.11 18.39 -17.85
C TYR A 345 3.07 17.21 -17.84
N LEU A 346 2.56 16.03 -17.51
CA LEU A 346 3.41 14.85 -17.45
C LEU A 346 3.93 14.49 -18.84
N LEU A 347 3.09 14.61 -19.87
CA LEU A 347 3.60 14.34 -21.21
C LEU A 347 4.64 15.37 -21.61
N ALA A 348 4.48 16.63 -21.16
CA ALA A 348 5.50 17.63 -21.48
C ALA A 348 6.85 17.27 -20.86
N ILE A 349 6.86 16.79 -19.62
CA ILE A 349 8.11 16.34 -19.03
C ILE A 349 8.75 15.27 -19.90
N PHE A 350 7.95 14.28 -20.31
CA PHE A 350 8.47 13.21 -21.17
C PHE A 350 9.01 13.77 -22.49
N LEU A 351 8.24 14.64 -23.13
CA LEU A 351 8.63 15.11 -24.47
C LEU A 351 9.86 16.01 -24.43
N ILE A 352 10.08 16.72 -23.32
CA ILE A 352 11.30 17.49 -23.13
C ILE A 352 12.53 16.58 -23.13
N CYS A 353 12.37 15.30 -22.79
CA CYS A 353 13.47 14.35 -22.70
C CYS A 353 13.62 13.44 -23.91
N ALA A 354 12.51 13.14 -24.59
CA ALA A 354 12.42 11.99 -25.48
C ALA A 354 13.39 12.04 -26.65
N GLU A 355 13.86 10.85 -27.02
CA GLU A 355 14.53 10.60 -28.29
C GLU A 355 13.96 9.32 -28.86
N LYS A 356 14.47 8.92 -30.03
CA LYS A 356 14.12 7.61 -30.57
C LYS A 356 14.28 6.56 -29.47
N TYR A 357 13.26 5.69 -29.33
CA TYR A 357 13.20 4.60 -28.35
C TYR A 357 12.92 5.09 -26.94
N SER A 358 12.35 6.28 -26.81
CA SER A 358 11.75 6.76 -25.57
C SER A 358 10.25 6.50 -25.62
N TYR A 359 9.69 5.96 -24.54
CA TYR A 359 8.29 5.59 -24.43
C TYR A 359 7.76 6.02 -23.07
N VAL A 360 6.46 6.36 -23.00
CA VAL A 360 5.86 6.89 -21.77
C VAL A 360 4.66 6.07 -21.33
N TYR A 361 4.48 5.98 -20.02
CA TYR A 361 3.29 5.38 -19.41
C TYR A 361 2.82 6.27 -18.27
N LEU A 362 1.67 6.91 -18.45
CA LEU A 362 0.99 7.63 -17.39
C LEU A 362 -0.01 6.68 -16.76
N HIS A 363 0.23 6.28 -15.50
CA HIS A 363 -0.45 5.11 -14.96
C HIS A 363 -1.23 5.42 -13.70
N ASP A 364 -2.14 4.49 -13.38
CA ASP A 364 -2.82 4.43 -12.09
C ASP A 364 -2.51 3.07 -11.46
N GLY A 365 -1.22 2.78 -11.28
CA GLY A 365 -0.77 1.52 -10.77
C GLY A 365 -0.61 0.48 -11.88
N TYR A 366 0.15 -0.58 -11.57
CA TYR A 366 0.43 -1.59 -12.59
C TYR A 366 -0.55 -2.75 -12.57
N LEU A 367 -1.41 -2.86 -11.56
CA LEU A 367 -2.45 -3.87 -11.52
C LEU A 367 -3.63 -3.45 -12.41
N ALA A 368 -3.85 -4.21 -13.49
CA ALA A 368 -4.82 -3.82 -14.50
C ALA A 368 -6.21 -3.58 -13.91
N THR A 369 -6.63 -4.43 -12.99
CA THR A 369 -7.99 -4.45 -12.48
C THR A 369 -8.25 -3.35 -11.46
N ASN A 370 -7.22 -2.61 -11.04
CA ASN A 370 -7.38 -1.53 -10.09
C ASN A 370 -6.96 -0.19 -10.69
N SER A 371 -6.79 -0.10 -12.01
CA SER A 371 -6.34 1.12 -12.66
C SER A 371 -7.49 1.79 -13.41
N ALA A 372 -7.67 3.08 -13.14
CA ALA A 372 -8.70 3.86 -13.81
C ALA A 372 -8.39 4.14 -15.26
N VAL A 373 -7.13 3.98 -15.68
CA VAL A 373 -6.76 4.25 -17.07
C VAL A 373 -6.58 2.98 -17.88
N TRP A 374 -6.79 1.81 -17.28
CA TRP A 374 -6.69 0.58 -18.03
C TRP A 374 -7.65 0.60 -19.20
N LEU A 375 -7.15 0.19 -20.36
CA LEU A 375 -7.86 0.13 -21.64
C LEU A 375 -8.15 1.50 -22.24
N HIS A 376 -7.66 2.58 -21.66
CA HIS A 376 -8.00 3.93 -22.10
C HIS A 376 -6.88 4.57 -22.91
N GLN A 377 -7.26 5.37 -23.90
CA GLN A 377 -6.30 6.10 -24.71
C GLN A 377 -6.68 7.58 -24.58
N PHE A 378 -5.81 8.39 -23.94
CA PHE A 378 -6.05 9.82 -23.85
C PHE A 378 -5.98 10.44 -25.25
N ASP A 379 -6.68 11.57 -25.41
CA ASP A 379 -6.67 12.21 -26.72
C ASP A 379 -5.26 12.60 -27.14
N GLN A 380 -4.42 12.94 -26.16
CA GLN A 380 -3.04 13.32 -26.40
C GLN A 380 -2.23 12.19 -27.02
N TYR A 381 -2.70 10.95 -26.91
CA TYR A 381 -2.00 9.83 -27.50
C TYR A 381 -2.35 9.62 -28.96
N LYS A 382 -3.42 10.24 -29.46
CA LYS A 382 -3.88 10.02 -30.82
C LYS A 382 -3.47 11.13 -31.76
N LYS A 383 -3.17 12.31 -31.23
CA LYS A 383 -2.87 13.48 -32.04
C LYS A 383 -1.49 13.35 -32.68
N ALA A 384 -1.34 13.97 -33.85
CA ALA A 384 -0.08 13.91 -34.56
C ALA A 384 1.01 14.60 -33.76
N LEU A 385 2.12 13.90 -33.58
CA LEU A 385 3.25 14.40 -32.81
C LEU A 385 4.37 14.85 -33.75
N GLY A 386 4.94 13.92 -34.50
CA GLY A 386 6.01 14.23 -35.40
C GLY A 386 7.36 14.26 -34.70
N ALA A 387 8.42 14.13 -35.50
CA ALA A 387 9.75 14.08 -34.93
C ALA A 387 10.17 15.44 -34.37
N PRO A 388 11.09 15.46 -33.40
CA PRO A 388 11.58 16.73 -32.87
C PRO A 388 12.24 17.56 -33.95
N LEU A 389 12.07 18.87 -33.84
CA LEU A 389 12.79 19.83 -34.67
C LEU A 389 14.00 20.40 -33.96
N GLY A 390 14.14 20.12 -32.68
CA GLY A 390 15.39 20.35 -31.98
C GLY A 390 15.30 19.82 -30.57
N LYS A 391 16.41 19.92 -29.88
CA LYS A 391 16.45 19.61 -28.45
C LYS A 391 15.61 20.61 -27.67
N ALA A 392 15.22 20.22 -26.47
CA ALA A 392 14.56 21.14 -25.57
C ALA A 392 15.48 22.32 -25.25
N ILE A 393 14.87 23.47 -25.03
CA ILE A 393 15.55 24.67 -24.60
C ILE A 393 15.18 24.93 -23.16
N LYS A 394 16.19 25.06 -22.30
CA LYS A 394 15.99 25.26 -20.88
C LYS A 394 16.32 26.70 -20.51
N ASN A 395 15.39 27.35 -19.83
CA ASN A 395 15.60 28.70 -19.27
C ASN A 395 15.07 28.68 -17.84
N GLY A 396 15.97 28.49 -16.88
CA GLY A 396 15.54 28.31 -15.51
C GLY A 396 14.75 27.03 -15.40
N TYR A 397 13.54 27.12 -14.86
CA TYR A 397 12.66 25.96 -14.73
C TYR A 397 11.66 25.88 -15.88
N ILE A 398 11.81 26.70 -16.91
CA ILE A 398 10.93 26.66 -18.06
C ILE A 398 11.66 25.98 -19.21
N TYR A 399 11.00 25.00 -19.82
CA TYR A 399 11.53 24.28 -20.96
C TYR A 399 10.57 24.41 -22.14
N THR A 400 11.13 24.50 -23.35
CA THR A 400 10.33 24.43 -24.56
C THR A 400 10.94 23.43 -25.52
N ARG A 401 10.10 22.85 -26.38
CA ARG A 401 10.61 21.99 -27.44
C ARG A 401 9.62 21.98 -28.59
N LYS A 402 10.16 21.97 -29.81
CA LYS A 402 9.34 21.93 -31.01
C LYS A 402 9.44 20.57 -31.70
N PHE A 403 8.29 20.04 -32.07
CA PHE A 403 8.12 18.85 -32.88
C PHE A 403 7.42 19.25 -34.16
N GLU A 404 7.45 18.37 -35.15
CA GLU A 404 6.85 18.71 -36.45
C GLU A 404 5.38 19.12 -36.30
N ASN A 405 4.64 18.50 -35.37
CA ASN A 405 3.22 18.78 -35.24
C ASN A 405 2.83 19.21 -33.83
N LEU A 406 3.77 19.68 -33.03
CA LEU A 406 3.49 20.01 -31.65
C LEU A 406 4.54 20.97 -31.10
N ASP A 407 4.10 21.97 -30.34
CA ASP A 407 4.98 22.82 -29.56
C ASP A 407 4.72 22.57 -28.08
N VAL A 408 5.80 22.36 -27.32
CA VAL A 408 5.73 22.05 -25.90
C VAL A 408 6.26 23.23 -25.11
N TRP A 409 5.54 23.64 -24.07
CA TRP A 409 6.02 24.60 -23.08
C TRP A 409 5.78 23.99 -21.71
N LEU A 410 6.80 24.03 -20.87
CA LEU A 410 6.81 23.37 -19.56
C LEU A 410 7.36 24.31 -18.51
N ASN A 411 6.64 24.47 -17.39
CA ASN A 411 7.15 25.22 -16.24
C ASN A 411 7.13 24.31 -15.01
N LEU A 412 8.32 23.90 -14.56
CA LEU A 412 8.41 22.98 -13.42
C LEU A 412 8.03 23.66 -12.10
N GLU A 413 8.22 24.97 -11.99
CA GLU A 413 7.90 25.66 -10.75
C GLU A 413 6.40 25.66 -10.48
N THR A 414 5.61 26.04 -11.49
CA THR A 414 4.16 26.05 -11.38
C THR A 414 3.53 24.70 -11.67
N GLN A 415 4.31 23.71 -12.11
CA GLN A 415 3.80 22.40 -12.50
C GLN A 415 2.69 22.53 -13.52
N THR A 416 2.93 23.34 -14.55
CA THR A 416 2.00 23.55 -15.65
C THR A 416 2.72 23.38 -16.98
N ALA A 417 1.94 23.07 -18.01
CA ALA A 417 2.49 22.93 -19.35
C ALA A 417 1.40 23.27 -20.35
N THR A 418 1.83 23.57 -21.58
CA THR A 418 0.91 23.71 -22.69
C THR A 418 1.41 22.82 -23.82
N LEU A 419 0.49 22.09 -24.43
CA LEU A 419 0.75 21.32 -25.63
C LEU A 419 -0.06 21.96 -26.75
N THR A 420 0.64 22.63 -27.67
CA THR A 420 -0.02 23.31 -28.80
C THR A 420 0.14 22.42 -30.02
N TRP A 421 -0.90 21.66 -30.30
CA TRP A 421 -0.91 20.72 -31.40
C TRP A 421 -1.16 21.45 -32.72
N LYS A 422 -0.41 21.08 -33.74
CA LYS A 422 -0.51 21.71 -35.06
C LYS A 422 -1.24 20.74 -35.98
N ILE B 57 -26.63 -0.10 32.13
CA ILE B 57 -25.49 -0.63 31.38
C ILE B 57 -24.69 -1.62 32.22
N ASP B 58 -24.43 -2.79 31.64
CA ASP B 58 -23.64 -3.83 32.29
C ASP B 58 -22.16 -3.55 32.00
N TYR B 59 -21.43 -3.09 33.01
CA TYR B 59 -20.01 -2.82 32.89
C TYR B 59 -19.13 -3.96 33.35
N SER B 60 -19.74 -5.10 33.72
CA SER B 60 -18.98 -6.13 34.43
C SER B 60 -17.86 -6.72 33.60
N ASN B 61 -17.95 -6.66 32.28
CA ASN B 61 -16.92 -7.22 31.42
C ASN B 61 -16.02 -6.16 30.79
N TYR B 62 -16.17 -4.90 31.20
CA TYR B 62 -15.39 -3.84 30.60
C TYR B 62 -13.93 -3.88 31.06
N PRO B 63 -13.04 -3.23 30.31
CA PRO B 63 -11.63 -3.16 30.70
C PRO B 63 -11.44 -2.25 31.91
N GLU B 64 -10.25 -2.33 32.48
CA GLU B 64 -9.84 -1.34 33.45
C GLU B 64 -9.81 0.04 32.80
N PHE B 65 -10.05 1.05 33.63
CA PHE B 65 -9.94 2.43 33.17
C PHE B 65 -9.47 3.31 34.32
N SER B 66 -8.57 4.23 34.00
CA SER B 66 -8.15 5.28 34.93
C SER B 66 -7.92 6.57 34.15
N TRP B 67 -8.31 7.68 34.76
CA TRP B 67 -7.95 9.01 34.26
C TRP B 67 -6.56 9.46 34.71
N ASP B 68 -5.86 8.68 35.54
CA ASP B 68 -4.62 9.17 36.16
C ASP B 68 -3.64 9.67 35.11
N THR B 69 -3.49 8.92 34.02
CA THR B 69 -2.70 9.28 32.85
C THR B 69 -3.49 8.86 31.61
N MET B 70 -2.96 9.19 30.43
CA MET B 70 -3.69 8.98 29.20
C MET B 70 -4.18 7.54 29.10
N PRO B 71 -5.47 7.30 28.84
CA PRO B 71 -5.97 5.93 28.63
C PRO B 71 -5.63 5.45 27.23
N LEU B 72 -4.90 4.35 27.12
CA LEU B 72 -4.29 3.93 25.87
C LEU B 72 -4.89 2.64 25.33
N TYR B 73 -4.96 2.56 24.00
CA TYR B 73 -5.43 1.40 23.25
C TYR B 73 -4.29 0.83 22.43
N MET B 74 -4.25 -0.49 22.25
CA MET B 74 -3.26 -1.04 21.36
C MET B 74 -3.98 -1.95 20.37
N HIS B 75 -3.50 -1.95 19.13
CA HIS B 75 -4.14 -2.60 17.99
C HIS B 75 -2.99 -3.08 17.12
N VAL B 76 -2.74 -4.38 17.03
CA VAL B 76 -1.40 -4.83 16.62
C VAL B 76 -1.39 -6.20 15.94
N ARG B 77 -0.42 -6.34 15.01
CA ARG B 77 -0.02 -7.64 14.50
C ARG B 77 1.50 -7.66 14.31
N LYS B 78 2.02 -8.87 14.12
CA LYS B 78 3.42 -9.15 13.88
C LYS B 78 3.46 -10.51 13.20
N ASN B 79 4.37 -10.69 12.25
CA ASN B 79 4.36 -11.94 11.50
C ASN B 79 4.93 -13.12 12.29
N THR B 80 5.68 -12.83 13.34
CA THR B 80 6.26 -13.85 14.22
C THR B 80 5.91 -13.49 15.64
N ALA B 81 6.23 -14.40 16.57
CA ALA B 81 5.93 -14.18 17.97
C ALA B 81 6.53 -12.89 18.51
N TYR B 82 5.79 -12.28 19.42
CA TYR B 82 6.32 -11.15 20.19
C TYR B 82 7.45 -11.62 21.10
N THR B 83 8.44 -10.74 21.28
CA THR B 83 9.45 -10.97 22.29
C THR B 83 8.86 -10.81 23.68
N ASP B 84 9.60 -11.27 24.70
CA ASP B 84 9.17 -11.02 26.07
C ASP B 84 8.94 -9.54 26.33
N GLU B 85 9.88 -8.69 25.92
CA GLU B 85 9.70 -7.25 26.09
C GLU B 85 8.41 -6.79 25.43
N GLU B 86 8.10 -7.31 24.25
CA GLU B 86 6.91 -6.88 23.54
C GLU B 86 5.65 -7.37 24.23
N ILE B 87 5.66 -8.59 24.78
CA ILE B 87 4.52 -9.06 25.54
C ILE B 87 4.28 -8.18 26.76
N ASN B 88 5.36 -7.80 27.46
CA ASN B 88 5.20 -6.90 28.61
C ASN B 88 4.58 -5.58 28.17
N TYR B 89 5.02 -5.05 27.02
CA TYR B 89 4.44 -3.82 26.49
C TYR B 89 2.96 -4.00 26.22
N LEU B 90 2.58 -5.05 25.50
CA LEU B 90 1.16 -5.28 25.24
C LEU B 90 0.36 -5.38 26.53
N ALA B 91 0.88 -6.12 27.53
CA ALA B 91 0.17 -6.34 28.77
C ALA B 91 -0.02 -5.06 29.58
N SER B 92 0.72 -3.99 29.25
CA SER B 92 0.56 -2.72 29.95
C SER B 92 -0.63 -1.89 29.47
N PHE B 93 -1.28 -2.30 28.38
CA PHE B 93 -2.45 -1.59 27.87
C PHE B 93 -3.72 -2.18 28.44
N PRO B 94 -4.72 -1.37 28.75
CA PRO B 94 -5.96 -1.92 29.30
C PRO B 94 -6.77 -2.71 28.29
N LEU B 95 -6.62 -2.39 27.00
CA LEU B 95 -7.43 -2.99 25.95
C LEU B 95 -6.55 -3.14 24.72
N ILE B 96 -6.47 -4.37 24.21
CA ILE B 96 -5.62 -4.74 23.09
C ILE B 96 -6.47 -5.51 22.08
N THR B 97 -6.41 -5.10 20.81
CA THR B 97 -6.96 -5.88 19.70
C THR B 97 -5.82 -6.55 18.95
N LEU B 98 -5.91 -7.87 18.84
CA LEU B 98 -4.98 -8.66 18.02
C LEU B 98 -5.57 -8.74 16.61
N GLU B 99 -4.87 -8.12 15.68
CA GLU B 99 -5.25 -8.07 14.27
C GLU B 99 -5.11 -9.43 13.59
N LYS B 100 -5.60 -9.48 12.35
CA LYS B 100 -5.32 -10.56 11.42
C LYS B 100 -3.82 -10.73 11.23
N SER B 101 -3.42 -11.87 10.66
CA SER B 101 -2.02 -12.24 10.47
C SER B 101 -1.25 -12.08 11.78
N GLN B 102 -1.66 -12.90 12.75
CA GLN B 102 -1.19 -12.80 14.13
C GLN B 102 -0.16 -13.90 14.38
N ALA B 103 1.11 -13.54 14.20
CA ALA B 103 2.26 -14.40 14.47
C ALA B 103 2.16 -15.73 13.73
N GLN B 104 1.61 -15.69 12.52
CA GLN B 104 1.34 -16.92 11.79
C GLN B 104 2.61 -17.59 11.30
N ASN B 105 3.71 -16.86 11.18
CA ASN B 105 4.95 -17.48 10.71
C ASN B 105 5.75 -18.09 11.84
N THR B 106 5.28 -17.98 13.09
CA THR B 106 5.80 -18.77 14.20
C THR B 106 4.87 -19.93 14.55
N TYR B 107 3.56 -19.69 14.58
CA TYR B 107 2.60 -20.64 15.10
C TYR B 107 1.80 -21.33 14.01
N GLY B 108 2.04 -21.00 12.74
CA GLY B 108 1.41 -21.67 11.63
C GLY B 108 0.08 -21.11 11.17
N SER B 109 -0.55 -20.25 11.97
CA SER B 109 -1.87 -19.73 11.67
C SER B 109 -2.15 -18.56 12.60
N THR B 110 -3.05 -17.70 12.17
CA THR B 110 -3.52 -16.63 13.06
C THR B 110 -4.27 -17.18 14.26
N GLU B 111 -5.02 -18.27 14.07
CA GLU B 111 -5.76 -18.82 15.20
C GLU B 111 -4.80 -19.22 16.32
N GLU B 112 -3.76 -20.00 15.99
CA GLU B 112 -2.85 -20.44 17.05
C GLU B 112 -1.92 -19.32 17.50
N GLY B 113 -1.56 -18.39 16.61
CA GLY B 113 -0.75 -17.28 17.06
C GLY B 113 -1.49 -16.34 17.99
N THR B 114 -2.80 -16.19 17.76
CA THR B 114 -3.64 -15.44 18.68
C THR B 114 -3.69 -16.10 20.05
N LEU B 115 -3.91 -17.41 20.08
CA LEU B 115 -3.98 -18.13 21.35
C LEU B 115 -2.68 -18.02 22.11
N ALA B 116 -1.54 -18.17 21.43
CA ALA B 116 -0.25 -18.11 22.12
C ALA B 116 0.00 -16.71 22.66
N THR B 117 -0.28 -15.69 21.85
CA THR B 117 -0.05 -14.32 22.27
C THR B 117 -0.94 -13.95 23.44
N ALA B 118 -2.23 -14.26 23.34
CA ALA B 118 -3.14 -13.92 24.42
C ALA B 118 -2.76 -14.62 25.71
N SER B 119 -2.34 -15.89 25.63
CA SER B 119 -1.94 -16.60 26.84
C SER B 119 -0.78 -15.90 27.52
N ALA B 120 0.20 -15.47 26.72
CA ALA B 120 1.39 -14.81 27.27
C ALA B 120 1.05 -13.44 27.85
N ILE B 121 0.19 -12.67 27.17
CA ILE B 121 -0.24 -11.37 27.70
C ILE B 121 -0.89 -11.57 29.06
N LYS B 122 -1.84 -12.51 29.14
CA LYS B 122 -2.59 -12.70 30.37
C LYS B 122 -1.71 -13.18 31.51
N LEU B 123 -0.65 -13.94 31.21
CA LEU B 123 0.26 -14.37 32.26
C LEU B 123 0.99 -13.18 32.87
N LYS B 124 1.31 -12.17 32.07
CA LYS B 124 1.95 -10.98 32.59
C LYS B 124 0.95 -10.04 33.27
N ASN B 125 -0.26 -9.90 32.73
CA ASN B 125 -1.27 -9.03 33.34
C ASN B 125 -2.65 -9.63 33.06
N ASN B 126 -3.22 -10.33 34.03
CA ASN B 126 -4.49 -10.98 33.69
C ASN B 126 -5.64 -9.99 33.62
N LYS B 127 -5.44 -8.73 34.00
CA LYS B 127 -6.47 -7.70 33.90
C LYS B 127 -6.55 -7.06 32.52
N ALA B 128 -5.54 -7.26 31.67
CA ALA B 128 -5.58 -6.73 30.31
C ALA B 128 -6.71 -7.42 29.55
N LYS B 129 -7.47 -6.64 28.78
CA LYS B 129 -8.53 -7.21 27.95
C LYS B 129 -8.03 -7.37 26.52
N VAL B 130 -8.23 -8.56 25.96
CA VAL B 130 -7.68 -8.93 24.67
C VAL B 130 -8.84 -9.28 23.74
N LEU B 131 -8.91 -8.59 22.59
CA LEU B 131 -9.95 -8.82 21.60
C LEU B 131 -9.38 -9.52 20.36
N TYR B 132 -10.20 -10.41 19.80
CA TYR B 132 -9.89 -11.09 18.55
C TYR B 132 -10.51 -10.36 17.37
N TYR B 133 -9.66 -9.93 16.43
CA TYR B 133 -10.15 -9.34 15.19
C TYR B 133 -10.93 -10.37 14.39
N ARG B 134 -12.06 -9.93 13.83
CA ARG B 134 -12.78 -10.74 12.85
C ARG B 134 -13.44 -9.83 11.83
N ASN B 135 -13.12 -10.06 10.56
CA ASN B 135 -13.76 -9.33 9.48
C ASN B 135 -15.05 -10.05 9.09
N VAL B 136 -16.17 -9.29 9.05
CA VAL B 136 -17.46 -9.88 8.79
C VAL B 136 -17.67 -10.27 7.33
N VAL B 137 -16.89 -9.73 6.38
CA VAL B 137 -17.13 -10.08 4.98
C VAL B 137 -15.89 -10.36 4.14
N ILE B 138 -14.71 -9.89 4.55
CA ILE B 138 -13.51 -10.06 3.72
C ILE B 138 -12.76 -11.31 4.17
N ASN B 139 -12.43 -12.16 3.20
CA ASN B 139 -11.73 -13.43 3.43
C ASN B 139 -10.21 -13.21 3.32
N TRP B 140 -9.67 -12.48 4.31
CA TRP B 140 -8.24 -12.26 4.41
C TRP B 140 -7.50 -13.56 4.70
N GLY B 141 -6.21 -13.58 4.36
CA GLY B 141 -5.39 -14.77 4.50
C GLY B 141 -4.96 -15.06 5.93
N ASN B 142 -4.36 -16.23 6.08
CA ASN B 142 -3.64 -16.74 7.25
C ASN B 142 -4.53 -17.26 8.36
N TYR B 143 -5.81 -17.48 8.11
CA TYR B 143 -6.67 -18.25 9.00
C TYR B 143 -6.70 -19.69 8.50
N LYS B 144 -6.04 -20.60 9.22
CA LYS B 144 -6.00 -21.97 8.72
C LYS B 144 -7.39 -22.56 8.62
N ASN B 145 -8.30 -22.20 9.54
CA ASN B 145 -9.63 -22.81 9.51
C ASN B 145 -10.45 -22.23 8.36
N ASP B 146 -10.24 -20.94 8.05
CA ASP B 146 -10.94 -20.37 6.90
C ASP B 146 -10.45 -20.99 5.62
N ASP B 147 -9.14 -21.18 5.49
CA ASP B 147 -8.59 -21.79 4.29
C ASP B 147 -9.18 -23.19 4.08
N GLU B 148 -9.32 -23.96 5.15
CA GLU B 148 -9.92 -25.29 5.05
C GLU B 148 -11.38 -25.19 4.63
N PHE B 149 -12.14 -24.31 5.29
CA PHE B 149 -13.56 -24.15 5.02
C PHE B 149 -13.81 -23.70 3.58
N ILE B 150 -13.02 -22.76 3.09
CA ILE B 150 -13.22 -22.22 1.74
C ILE B 150 -12.78 -23.23 0.68
N SER B 151 -11.69 -23.95 0.94
CA SER B 151 -11.28 -25.00 0.01
C SER B 151 -12.37 -26.06 -0.13
N LYS B 152 -13.01 -26.46 0.97
CA LYS B 152 -14.06 -27.48 0.91
C LYS B 152 -15.35 -26.91 0.33
N ASN B 153 -15.60 -25.62 0.52
CA ASN B 153 -16.88 -24.99 0.15
C ASN B 153 -16.61 -23.75 -0.68
N PRO B 154 -16.17 -23.90 -1.93
CA PRO B 154 -15.97 -22.73 -2.79
C PRO B 154 -17.21 -21.87 -2.94
N SER B 155 -18.41 -22.45 -2.77
CA SER B 155 -19.63 -21.67 -2.86
C SER B 155 -19.82 -20.72 -1.69
N ALA B 156 -18.95 -20.80 -0.69
CA ALA B 156 -18.99 -19.87 0.43
C ALA B 156 -18.54 -18.47 0.03
N LEU B 157 -17.88 -18.31 -1.11
CA LEU B 157 -17.37 -17.02 -1.53
C LEU B 157 -18.38 -16.27 -2.41
N LEU B 158 -18.36 -14.96 -2.27
CA LEU B 158 -19.30 -14.10 -2.97
C LEU B 158 -19.02 -14.00 -4.46
N LYS B 159 -20.05 -14.24 -5.26
CA LYS B 159 -19.94 -14.22 -6.71
C LYS B 159 -21.00 -13.28 -7.28
N ASN B 160 -20.71 -12.76 -8.47
CA ASN B 160 -21.68 -11.92 -9.16
C ASN B 160 -22.64 -12.80 -9.96
N GLN B 161 -23.44 -12.16 -10.80
CA GLN B 161 -24.49 -12.87 -11.53
C GLN B 161 -23.94 -13.82 -12.57
N ASN B 162 -22.70 -13.63 -13.03
CA ASN B 162 -22.04 -14.55 -13.93
C ASN B 162 -21.30 -15.65 -13.21
N ASN B 163 -21.48 -15.76 -11.89
CA ASN B 163 -20.79 -16.74 -11.07
C ASN B 163 -19.28 -16.50 -11.05
N GLU B 164 -18.88 -15.25 -11.23
CA GLU B 164 -17.49 -14.82 -11.09
C GLU B 164 -17.26 -14.31 -9.68
N LEU B 165 -16.14 -14.71 -9.09
CA LEU B 165 -15.71 -14.11 -7.83
C LEU B 165 -15.52 -12.61 -7.97
N VAL B 166 -15.87 -11.89 -6.92
CA VAL B 166 -15.57 -10.47 -6.81
C VAL B 166 -14.53 -10.28 -5.72
N TYR B 167 -13.78 -9.18 -5.83
CA TYR B 167 -12.57 -9.02 -5.04
C TYR B 167 -12.43 -7.62 -4.47
N MET B 168 -11.57 -7.54 -3.45
CA MET B 168 -10.99 -6.30 -2.98
C MET B 168 -10.15 -5.63 -4.05
N PRO B 169 -9.68 -4.42 -3.81
CA PRO B 169 -8.90 -3.73 -4.85
C PRO B 169 -7.65 -4.46 -5.26
N ASN B 170 -7.10 -5.35 -4.42
CA ASN B 170 -5.93 -6.13 -4.82
C ASN B 170 -6.25 -7.17 -5.86
N GLY B 171 -7.53 -7.39 -6.17
CA GLY B 171 -7.94 -8.34 -7.18
C GLY B 171 -7.75 -9.79 -6.82
N SER B 172 -7.43 -10.10 -5.57
CA SER B 172 -7.12 -11.47 -5.16
C SER B 172 -7.83 -11.87 -3.86
N THR B 173 -8.15 -10.91 -2.98
CA THR B 173 -8.85 -11.22 -1.73
C THR B 173 -10.35 -11.20 -1.95
N PRO B 174 -11.05 -12.31 -1.74
CA PRO B 174 -12.49 -12.36 -1.99
C PRO B 174 -13.28 -12.11 -0.73
N PHE B 175 -14.61 -12.31 -0.81
CA PHE B 175 -15.54 -12.03 0.28
C PHE B 175 -16.33 -13.27 0.64
N PHE B 176 -16.69 -13.38 1.93
CA PHE B 176 -17.67 -14.38 2.36
C PHE B 176 -19.05 -13.97 1.84
N ASP B 177 -19.79 -14.94 1.28
CA ASP B 177 -21.20 -14.67 0.95
C ASP B 177 -22.04 -14.97 2.20
N ILE B 178 -22.19 -13.95 3.03
CA ILE B 178 -22.86 -14.12 4.30
C ILE B 178 -24.37 -14.25 4.10
N THR B 179 -24.87 -14.16 2.86
CA THR B 179 -26.30 -14.45 2.66
C THR B 179 -26.60 -15.93 2.81
N LYS B 180 -25.59 -16.79 2.75
CA LYS B 180 -25.79 -18.23 2.88
C LYS B 180 -25.72 -18.68 4.33
N SER B 181 -26.73 -19.44 4.75
CA SER B 181 -26.81 -19.83 6.16
C SER B 181 -25.56 -20.55 6.62
N PHE B 182 -25.01 -21.47 5.81
CA PHE B 182 -23.87 -22.24 6.28
C PHE B 182 -22.64 -21.36 6.46
N VAL B 183 -22.57 -20.27 5.70
CA VAL B 183 -21.48 -19.32 5.90
C VAL B 183 -21.70 -18.52 7.17
N GLN B 184 -22.93 -18.04 7.39
CA GLN B 184 -23.25 -17.37 8.66
C GLN B 184 -22.85 -18.23 9.84
N GLU B 185 -23.20 -19.52 9.81
CA GLU B 185 -22.97 -20.39 10.95
C GLU B 185 -21.49 -20.68 11.14
N TYR B 186 -20.74 -20.88 10.05
CA TYR B 186 -19.30 -21.04 10.16
C TYR B 186 -18.68 -19.81 10.79
N TRP B 187 -19.07 -18.63 10.29
CA TRP B 187 -18.47 -17.41 10.79
C TRP B 187 -18.80 -17.17 12.25
N LEU B 188 -20.08 -17.26 12.60
CA LEU B 188 -20.47 -17.03 14.00
C LEU B 188 -19.76 -18.00 14.93
N LYS B 189 -19.71 -19.29 14.57
CA LYS B 189 -19.04 -20.25 15.42
C LYS B 189 -17.56 -19.97 15.54
N SER B 190 -16.92 -19.50 14.45
CA SER B 190 -15.49 -19.20 14.54
C SER B 190 -15.24 -18.10 15.56
N VAL B 191 -16.11 -17.10 15.62
CA VAL B 191 -15.97 -16.03 16.60
C VAL B 191 -16.25 -16.55 18.01
N GLU B 192 -17.38 -17.23 18.16
CA GLU B 192 -17.78 -17.71 19.48
C GLU B 192 -16.75 -18.69 20.04
N ASP B 193 -16.23 -19.58 19.20
CA ASP B 193 -15.22 -20.53 19.67
C ASP B 193 -13.96 -19.81 20.15
N MET B 194 -13.47 -18.82 19.39
CA MET B 194 -12.28 -18.12 19.84
C MET B 194 -12.53 -17.31 21.10
N VAL B 195 -13.68 -16.62 21.18
CA VAL B 195 -13.93 -15.81 22.36
C VAL B 195 -14.10 -16.71 23.59
N ALA B 196 -14.52 -17.95 23.40
CA ALA B 196 -14.71 -18.86 24.52
C ALA B 196 -13.42 -19.33 25.15
N THR B 197 -12.29 -19.19 24.45
CA THR B 197 -11.02 -19.61 25.01
C THR B 197 -10.62 -18.69 26.15
N PRO B 198 -9.80 -19.17 27.08
CA PRO B 198 -9.72 -18.50 28.38
C PRO B 198 -9.00 -17.16 28.38
N ASN B 199 -8.14 -16.89 27.41
CA ASN B 199 -7.31 -15.69 27.39
C ASN B 199 -7.82 -14.63 26.44
N ILE B 200 -8.96 -14.85 25.83
CA ILE B 200 -9.62 -13.89 24.94
C ILE B 200 -10.90 -13.39 25.59
N ASP B 201 -11.09 -12.08 25.59
CA ASP B 201 -12.22 -11.46 26.26
C ASP B 201 -13.35 -11.03 25.33
N GLY B 202 -13.10 -10.99 24.02
CA GLY B 202 -14.11 -10.49 23.13
C GLY B 202 -13.56 -10.41 21.72
N THR B 203 -14.29 -9.67 20.89
CA THR B 203 -14.01 -9.60 19.48
C THR B 203 -14.12 -8.17 18.98
N PHE B 204 -13.31 -7.88 17.94
CA PHE B 204 -13.32 -6.63 17.19
C PHE B 204 -13.91 -6.98 15.83
N ILE B 205 -15.11 -6.49 15.52
CA ILE B 205 -15.77 -6.80 14.26
C ILE B 205 -15.47 -5.69 13.27
N ASP B 206 -14.89 -6.07 12.14
CA ASP B 206 -14.45 -5.14 11.11
C ASP B 206 -15.31 -5.31 9.85
N ALA B 207 -15.37 -4.23 9.07
CA ALA B 207 -16.00 -4.11 7.74
C ALA B 207 -17.52 -4.00 7.79
N ASN B 208 -18.05 -3.67 8.96
CA ASN B 208 -19.46 -3.30 9.08
C ASN B 208 -19.85 -2.27 8.03
N ILE B 209 -18.99 -1.28 7.80
CA ILE B 209 -19.37 -0.16 6.94
C ILE B 209 -19.38 -0.59 5.50
N LYS B 210 -18.60 -1.60 5.12
CA LYS B 210 -18.67 -2.13 3.76
C LYS B 210 -20.00 -2.81 3.49
N VAL B 211 -20.62 -3.42 4.52
CA VAL B 211 -21.96 -3.94 4.36
C VAL B 211 -22.99 -2.82 4.28
N LEU B 212 -22.83 -1.81 5.14
CA LEU B 212 -23.93 -0.87 5.41
C LEU B 212 -23.97 0.30 4.44
N VAL B 213 -22.88 0.58 3.74
CA VAL B 213 -22.86 1.58 2.67
C VAL B 213 -23.28 0.86 1.39
N PRO B 214 -24.49 1.09 0.87
CA PRO B 214 -24.98 0.17 -0.17
C PRO B 214 -24.09 0.10 -1.40
N SER B 215 -23.44 1.19 -1.80
CA SER B 215 -22.69 1.15 -3.04
C SER B 215 -21.50 0.20 -2.99
N PHE B 216 -21.00 -0.15 -1.79
CA PHE B 216 -19.80 -0.97 -1.77
C PHE B 216 -20.05 -2.33 -2.42
N PHE B 217 -21.10 -3.03 -1.99
CA PHE B 217 -21.42 -4.30 -2.63
C PHE B 217 -22.36 -4.18 -3.84
N SER B 218 -23.23 -3.19 -3.87
CA SER B 218 -24.12 -3.10 -5.03
C SER B 218 -23.32 -2.94 -6.32
N SER B 219 -22.21 -2.19 -6.24
CA SER B 219 -21.36 -1.98 -7.41
C SER B 219 -20.63 -3.25 -7.84
N LYS B 220 -20.61 -4.27 -6.99
CA LYS B 220 -19.95 -5.54 -7.27
C LYS B 220 -20.91 -6.66 -7.62
N VAL B 221 -22.08 -6.72 -6.94
CA VAL B 221 -22.98 -7.85 -7.07
C VAL B 221 -24.44 -7.40 -7.21
N GLY B 222 -24.67 -6.09 -7.28
CA GLY B 222 -26.01 -5.57 -7.54
C GLY B 222 -26.71 -5.12 -6.27
N VAL B 223 -27.70 -4.23 -6.45
CA VAL B 223 -28.39 -3.59 -5.34
C VAL B 223 -29.20 -4.60 -4.53
N ASN B 224 -29.77 -5.60 -5.19
CA ASN B 224 -30.63 -6.53 -4.45
C ASN B 224 -29.79 -7.49 -3.62
N LYS B 225 -28.68 -8.02 -4.16
CA LYS B 225 -27.79 -8.88 -3.39
C LYS B 225 -27.19 -8.11 -2.22
N GLN B 226 -26.85 -6.85 -2.41
CA GLN B 226 -26.41 -6.02 -1.31
C GLN B 226 -27.46 -5.98 -0.21
N ALA B 227 -28.73 -5.78 -0.57
CA ALA B 227 -29.79 -5.74 0.45
C ALA B 227 -29.86 -7.06 1.22
N GLU B 228 -29.62 -8.18 0.55
CA GLU B 228 -29.61 -9.47 1.25
C GLU B 228 -28.38 -9.60 2.14
N ILE B 229 -27.22 -9.14 1.67
CA ILE B 229 -26.03 -9.15 2.52
C ILE B 229 -26.29 -8.37 3.79
N GLU B 230 -26.94 -7.19 3.66
CA GLU B 230 -27.23 -6.35 4.81
C GLU B 230 -28.18 -7.04 5.78
N ASN B 231 -29.22 -7.69 5.25
CA ASN B 231 -30.17 -8.40 6.09
C ASN B 231 -29.47 -9.51 6.87
N SER B 232 -28.61 -10.27 6.20
CA SER B 232 -27.89 -11.35 6.89
C SER B 232 -26.93 -10.78 7.93
N TYR B 233 -26.27 -9.67 7.60
CA TYR B 233 -25.37 -9.02 8.55
C TYR B 233 -26.09 -8.67 9.84
N PHE B 234 -27.27 -8.05 9.75
CA PHE B 234 -28.00 -7.69 10.96
C PHE B 234 -28.34 -8.94 11.79
N SER B 235 -28.72 -10.02 11.11
CA SER B 235 -29.01 -11.28 11.80
C SER B 235 -27.78 -11.79 12.53
N MET B 236 -26.61 -11.73 11.88
CA MET B 236 -25.38 -12.17 12.53
C MET B 236 -25.02 -11.29 13.71
N MET B 237 -25.19 -9.98 13.61
CA MET B 237 -24.84 -9.17 14.77
C MET B 237 -25.83 -9.32 15.91
N SER B 238 -27.10 -9.56 15.62
CA SER B 238 -28.04 -9.92 16.68
C SER B 238 -27.61 -11.21 17.37
N ARG B 239 -27.15 -12.20 16.60
CA ARG B 239 -26.69 -13.45 17.19
C ARG B 239 -25.51 -13.21 18.11
N LEU B 240 -24.51 -12.45 17.64
CA LEU B 240 -23.33 -12.21 18.48
C LEU B 240 -23.67 -11.41 19.73
N LYS B 241 -24.57 -10.42 19.62
CA LYS B 241 -24.93 -9.62 20.78
C LYS B 241 -25.39 -10.53 21.92
N GLU B 242 -26.12 -11.58 21.58
CA GLU B 242 -26.60 -12.52 22.59
C GLU B 242 -25.51 -13.48 23.03
N SER B 243 -24.81 -14.12 22.08
CA SER B 243 -23.86 -15.17 22.47
C SER B 243 -22.65 -14.60 23.20
N LEU B 244 -22.27 -13.36 22.88
CA LEU B 244 -21.13 -12.73 23.53
C LEU B 244 -21.54 -11.75 24.63
N SER B 245 -22.73 -11.95 25.22
CA SER B 245 -23.23 -11.02 26.25
C SER B 245 -22.40 -11.05 27.52
N ASN B 246 -21.55 -12.06 27.72
CA ASN B 246 -20.63 -12.08 28.85
C ASN B 246 -19.21 -11.73 28.43
N ASN B 247 -19.08 -11.08 27.27
CA ASN B 247 -17.80 -10.73 26.66
C ASN B 247 -17.94 -9.33 26.09
N LEU B 248 -16.92 -8.88 25.37
CA LEU B 248 -16.92 -7.56 24.75
C LEU B 248 -17.02 -7.68 23.23
N ILE B 249 -17.81 -6.80 22.65
CA ILE B 249 -17.91 -6.66 21.19
C ILE B 249 -17.61 -5.22 20.84
N LEU B 250 -16.49 -4.99 20.15
CA LEU B 250 -16.10 -3.67 19.66
C LEU B 250 -16.24 -3.69 18.15
N ALA B 251 -16.81 -2.65 17.55
CA ALA B 251 -17.01 -2.65 16.11
C ALA B 251 -16.44 -1.39 15.48
N ASN B 252 -15.92 -1.55 14.26
CA ASN B 252 -15.50 -0.41 13.44
C ASN B 252 -16.76 0.16 12.80
N ILE B 253 -17.43 1.09 13.51
CA ILE B 253 -18.77 1.50 13.10
C ILE B 253 -19.02 3.01 13.08
N ILE B 254 -18.53 3.77 14.07
CA ILE B 254 -18.74 5.22 14.02
C ILE B 254 -17.87 5.83 12.93
N ARG B 255 -18.50 6.57 12.02
CA ARG B 255 -17.83 7.06 10.82
C ARG B 255 -18.72 8.09 10.16
N VAL B 256 -18.15 9.25 9.82
CA VAL B 256 -18.94 10.23 9.08
C VAL B 256 -19.21 9.66 7.70
N ARG B 257 -20.50 9.57 7.33
CA ARG B 257 -20.95 9.02 6.08
C ARG B 257 -22.22 9.75 5.66
N PRO B 258 -22.36 10.13 4.39
CA PRO B 258 -23.66 10.71 3.98
C PRO B 258 -24.81 9.74 4.11
N GLU B 259 -24.53 8.43 4.03
CA GLU B 259 -25.56 7.41 4.15
C GLU B 259 -26.08 7.23 5.57
N PHE B 260 -25.33 7.68 6.57
CA PHE B 260 -25.66 7.48 7.98
C PHE B 260 -26.06 8.84 8.57
N GLU B 261 -27.36 9.05 8.77
CA GLU B 261 -27.79 10.32 9.36
C GLU B 261 -27.17 10.58 10.72
N GLU B 262 -26.87 9.52 11.48
CA GLU B 262 -26.23 9.65 12.78
C GLU B 262 -24.76 9.19 12.79
N ASN B 263 -24.16 9.04 11.61
CA ASN B 263 -22.74 8.78 11.45
C ASN B 263 -22.31 7.55 12.23
N GLY B 264 -23.19 6.54 12.24
CA GLY B 264 -22.91 5.24 12.77
C GLY B 264 -23.55 4.94 14.10
N LEU B 265 -23.99 5.97 14.85
CA LEU B 265 -24.67 5.72 16.11
C LEU B 265 -25.90 4.85 15.93
N GLU B 266 -26.54 4.93 14.78
CA GLU B 266 -27.77 4.17 14.60
C GLU B 266 -27.53 2.67 14.56
N TYR B 267 -26.27 2.23 14.52
CA TYR B 267 -25.92 0.80 14.53
C TYR B 267 -25.23 0.37 15.82
N LEU B 268 -24.96 1.30 16.72
CA LEU B 268 -24.12 1.00 17.86
C LEU B 268 -24.82 0.14 18.91
N GLY B 269 -26.14 -0.02 18.82
CA GLY B 269 -26.84 -0.84 19.80
C GLY B 269 -26.43 -2.29 19.80
N TYR B 270 -25.83 -2.78 18.72
CA TYR B 270 -25.38 -4.15 18.66
C TYR B 270 -24.12 -4.41 19.49
N PHE B 271 -23.40 -3.36 19.86
CA PHE B 271 -22.02 -3.48 20.29
C PHE B 271 -21.79 -2.78 21.62
N ASN B 272 -20.70 -3.17 22.29
CA ASN B 272 -20.29 -2.50 23.51
C ASN B 272 -19.53 -1.20 23.24
N GLY B 273 -19.12 -0.98 22.00
CA GLY B 273 -18.38 0.23 21.71
C GLY B 273 -17.97 0.27 20.26
N SER B 274 -17.35 1.38 19.90
CA SER B 274 -16.83 1.58 18.56
C SER B 274 -15.34 1.88 18.59
N TYR B 275 -14.65 1.25 17.64
CA TYR B 275 -13.36 1.69 17.16
C TYR B 275 -13.56 2.78 16.12
N LEU B 276 -12.63 3.72 16.08
CA LEU B 276 -12.67 4.82 15.12
C LEU B 276 -11.43 4.80 14.24
N GLU B 277 -11.64 4.87 12.92
CA GLU B 277 -10.58 5.17 11.97
C GLU B 277 -11.16 6.10 10.91
N GLY B 278 -10.28 6.62 10.06
CA GLY B 278 -10.70 7.64 9.13
C GLY B 278 -11.21 8.89 9.80
N PHE B 279 -10.84 9.11 11.06
CA PHE B 279 -11.53 10.10 11.87
C PHE B 279 -11.18 11.52 11.45
N ASP B 280 -9.97 11.73 10.93
CA ASP B 280 -9.53 13.04 10.48
C ASP B 280 -9.29 13.07 8.98
N SER B 281 -9.86 12.13 8.25
CA SER B 281 -9.68 12.00 6.81
C SER B 281 -10.99 12.35 6.13
N GLU B 282 -11.14 13.62 5.75
CA GLU B 282 -12.41 14.09 5.24
C GLU B 282 -12.68 13.54 3.84
N ALA B 283 -13.96 13.50 3.50
CA ALA B 283 -14.44 13.04 2.21
C ALA B 283 -15.75 13.77 1.90
N PHE B 284 -16.37 13.41 0.78
CA PHE B 284 -17.72 13.86 0.43
C PHE B 284 -17.80 15.37 0.21
N GLY B 285 -16.68 16.02 -0.09
CA GLY B 285 -16.67 17.45 -0.28
C GLY B 285 -16.68 18.26 1.00
N MET B 286 -16.59 17.59 2.14
CA MET B 286 -16.63 18.22 3.44
C MET B 286 -15.27 18.83 3.76
N SER B 287 -15.28 19.95 4.48
CA SER B 287 -14.02 20.45 5.02
C SER B 287 -13.50 19.51 6.11
N ASN B 288 -12.18 19.49 6.27
CA ASN B 288 -11.60 18.73 7.36
C ASN B 288 -12.22 19.11 8.69
N ALA B 289 -12.36 20.41 8.95
CA ALA B 289 -12.89 20.86 10.23
C ALA B 289 -14.32 20.40 10.44
N GLU B 290 -15.18 20.55 9.42
CA GLU B 290 -16.58 20.16 9.62
C GLU B 290 -16.74 18.64 9.71
N TYR B 291 -15.90 17.91 8.97
CA TYR B 291 -15.87 16.44 9.07
C TYR B 291 -15.49 16.02 10.49
N LEU B 292 -14.47 16.63 11.07
CA LEU B 292 -14.12 16.32 12.46
C LEU B 292 -15.22 16.75 13.42
N VAL B 293 -15.85 17.90 13.19
CA VAL B 293 -16.94 18.32 14.07
C VAL B 293 -18.00 17.22 14.16
N GLU B 294 -18.36 16.63 13.02
CA GLU B 294 -19.40 15.61 13.02
C GLU B 294 -18.93 14.34 13.71
N GLY B 295 -17.68 13.95 13.47
CA GLY B 295 -17.14 12.78 14.15
C GLY B 295 -17.04 12.98 15.65
N ILE B 296 -16.59 14.18 16.07
CA ILE B 296 -16.53 14.51 17.50
C ILE B 296 -17.91 14.39 18.13
N GLU B 297 -18.94 14.93 17.45
CA GLU B 297 -20.29 14.89 18.02
C GLU B 297 -20.79 13.46 18.17
N ALA B 298 -20.54 12.62 17.17
CA ALA B 298 -20.95 11.21 17.28
C ALA B 298 -20.20 10.51 18.41
N THR B 299 -18.90 10.76 18.53
CA THR B 299 -18.09 10.09 19.53
C THR B 299 -18.47 10.56 20.93
N GLN B 300 -18.68 11.86 21.12
CA GLN B 300 -19.15 12.36 22.41
C GLN B 300 -20.44 11.68 22.84
N LYS B 301 -21.39 11.58 21.93
CA LYS B 301 -22.67 10.96 22.29
C LYS B 301 -22.48 9.51 22.67
N ALA B 302 -21.69 8.78 21.91
CA ALA B 302 -21.46 7.38 22.22
C ALA B 302 -20.77 7.22 23.58
N ALA B 303 -19.66 7.94 23.78
CA ALA B 303 -18.93 7.84 25.02
C ALA B 303 -19.79 8.25 26.22
N GLN B 304 -20.57 9.31 26.07
CA GLN B 304 -21.39 9.75 27.19
C GLN B 304 -22.48 8.76 27.51
N SER B 305 -22.81 7.86 26.60
CA SER B 305 -23.80 6.83 26.86
C SER B 305 -23.21 5.58 27.51
N GLY B 306 -21.91 5.55 27.73
CA GLY B 306 -21.25 4.42 28.34
C GLY B 306 -20.65 3.41 27.39
N LYS B 307 -20.64 3.70 26.10
CA LYS B 307 -20.01 2.83 25.12
C LYS B 307 -18.50 3.00 25.15
N ILE B 308 -17.78 1.90 24.92
CA ILE B 308 -16.33 1.95 24.77
C ILE B 308 -15.98 2.69 23.47
N ILE B 309 -14.96 3.53 23.52
CA ILE B 309 -14.40 4.16 22.32
C ILE B 309 -12.93 3.83 22.26
N THR B 310 -12.46 3.35 21.10
CA THR B 310 -11.03 3.17 20.85
C THR B 310 -10.68 4.02 19.63
N MET B 311 -10.16 5.22 19.88
CA MET B 311 -9.90 6.19 18.82
C MET B 311 -8.50 5.95 18.31
N THR B 312 -8.39 5.61 17.03
CA THR B 312 -7.08 5.50 16.39
C THR B 312 -6.91 6.71 15.48
N LEU B 313 -5.70 7.28 15.53
CA LEU B 313 -5.34 8.45 14.73
C LEU B 313 -3.93 8.22 14.21
N GLY B 314 -3.76 8.36 12.89
CA GLY B 314 -2.47 8.12 12.28
C GLY B 314 -1.60 9.33 12.48
N LEU B 315 -0.36 9.09 12.87
CA LEU B 315 0.55 10.21 13.08
C LEU B 315 0.74 10.97 11.79
N GLY B 316 0.68 10.27 10.68
CA GLY B 316 0.75 10.93 9.39
C GLY B 316 2.09 11.48 8.93
N GLU B 317 2.03 12.65 8.33
CA GLU B 317 3.23 13.24 7.77
C GLU B 317 4.28 13.47 8.78
N ALA B 318 3.89 13.72 10.01
CA ALA B 318 4.85 14.07 10.99
C ALA B 318 5.86 12.98 11.25
N ILE B 319 5.51 11.78 10.89
CA ILE B 319 6.42 10.66 11.19
C ILE B 319 6.88 10.06 9.90
N ASP B 320 6.61 10.69 8.77
CA ASP B 320 7.08 10.22 7.47
C ASP B 320 8.20 11.13 6.98
N ASN B 321 9.26 10.61 6.37
CA ASN B 321 10.44 11.43 6.02
C ASN B 321 11.04 11.15 4.64
N ASN B 322 10.32 10.52 3.74
CA ASN B 322 10.75 10.32 2.34
C ASN B 322 12.03 9.50 2.22
N THR B 323 12.22 8.55 3.13
CA THR B 323 13.30 7.57 3.08
C THR B 323 12.72 6.19 3.33
N GLY B 324 13.51 5.17 3.05
CA GLY B 324 13.18 3.80 3.40
C GLY B 324 12.68 2.95 2.24
N ILE B 325 12.53 3.51 1.04
CA ILE B 325 12.10 2.71 -0.10
C ILE B 325 13.27 2.06 -0.80
N ASP B 326 14.27 2.87 -1.17
CA ASP B 326 15.49 2.38 -1.80
C ASP B 326 16.72 2.74 -0.99
N ASP B 327 16.54 3.22 0.24
CA ASP B 327 17.63 3.60 1.11
C ASP B 327 17.20 3.28 2.54
N GLN B 328 18.14 3.47 3.48
CA GLN B 328 17.81 3.25 4.88
C GLN B 328 16.72 4.23 5.29
N ARG B 329 15.80 3.77 6.11
CA ARG B 329 14.79 4.65 6.66
C ARG B 329 15.45 5.43 7.80
N GLU B 330 15.41 6.74 7.70
CA GLU B 330 16.03 7.57 8.73
C GLU B 330 15.15 7.64 9.98
N ASP B 331 15.80 7.65 11.15
CA ASP B 331 15.12 7.91 12.41
C ASP B 331 14.29 9.19 12.31
N VAL B 332 13.05 9.12 12.78
CA VAL B 332 12.29 10.34 12.98
C VAL B 332 12.54 10.62 14.48
N ASP B 333 12.96 11.84 14.82
CA ASP B 333 13.24 12.21 16.20
C ASP B 333 11.93 12.19 16.98
N LEU B 334 11.79 11.24 17.90
CA LEU B 334 10.53 11.11 18.62
C LEU B 334 10.33 12.21 19.65
N ASN B 335 11.35 13.02 19.93
CA ASN B 335 11.22 14.18 20.82
C ASN B 335 11.18 15.49 20.06
N ASP B 336 11.05 15.43 18.74
CA ASP B 336 10.98 16.61 17.88
C ASP B 336 9.86 17.55 18.32
N GLU B 337 10.12 18.86 18.19
CA GLU B 337 9.09 19.85 18.51
C GLU B 337 7.87 19.68 17.62
N GLU B 338 8.07 19.50 16.32
CA GLU B 338 6.94 19.42 15.42
C GLU B 338 6.14 18.14 15.63
N LEU B 339 6.81 17.03 15.89
CA LEU B 339 6.06 15.82 16.13
C LEU B 339 5.25 15.99 17.39
N ASN B 340 5.85 16.59 18.39
CA ASN B 340 5.14 16.73 19.66
C ASN B 340 3.93 17.65 19.50
N LYS B 341 4.00 18.63 18.60
CA LYS B 341 2.82 19.44 18.31
C LYS B 341 1.71 18.61 17.69
N ARG B 342 2.08 17.69 16.80
CA ARG B 342 1.09 16.81 16.17
C ARG B 342 0.48 15.87 17.21
N VAL B 343 1.30 15.31 18.11
CA VAL B 343 0.78 14.48 19.18
C VAL B 343 -0.19 15.27 20.04
N ASP B 344 0.18 16.51 20.39
CA ASP B 344 -0.71 17.36 21.20
C ASP B 344 -2.06 17.52 20.49
N TYR B 345 -2.02 17.81 19.19
CA TYR B 345 -3.23 18.04 18.43
C TYR B 345 -4.12 16.80 18.44
N LEU B 346 -3.54 15.64 18.11
CA LEU B 346 -4.34 14.42 18.04
C LEU B 346 -4.88 14.02 19.41
N LEU B 347 -4.06 14.15 20.46
CA LEU B 347 -4.56 13.86 21.80
C LEU B 347 -5.64 14.85 22.21
N ALA B 348 -5.54 16.09 21.77
CA ALA B 348 -6.60 17.06 22.09
C ALA B 348 -7.94 16.65 21.48
N ILE B 349 -7.95 16.22 20.21
CA ILE B 349 -9.18 15.70 19.61
C ILE B 349 -9.74 14.59 20.47
N PHE B 350 -8.90 13.62 20.85
CA PHE B 350 -9.35 12.55 21.71
C PHE B 350 -9.93 13.07 23.02
N LEU B 351 -9.21 13.95 23.69
CA LEU B 351 -9.64 14.39 25.02
C LEU B 351 -10.90 15.23 24.98
N ILE B 352 -11.16 15.94 23.88
CA ILE B 352 -12.42 16.66 23.70
C ILE B 352 -13.59 15.68 23.65
N CYS B 353 -13.34 14.42 23.28
CA CYS B 353 -14.39 13.41 23.17
C CYS B 353 -14.48 12.49 24.36
N ALA B 354 -13.38 12.25 25.06
CA ALA B 354 -13.24 11.08 25.91
C ALA B 354 -14.18 11.08 27.11
N GLU B 355 -14.65 9.89 27.46
CA GLU B 355 -15.29 9.61 28.73
C GLU B 355 -14.66 8.35 29.31
N LYS B 356 -15.16 7.91 30.47
CA LYS B 356 -14.75 6.61 30.99
C LYS B 356 -14.88 5.57 29.90
N TYR B 357 -13.84 4.75 29.72
CA TYR B 357 -13.77 3.67 28.74
C TYR B 357 -13.52 4.17 27.32
N SER B 358 -12.96 5.37 27.19
CA SER B 358 -12.39 5.88 25.96
C SER B 358 -10.87 5.69 26.01
N TYR B 359 -10.28 5.19 24.92
CA TYR B 359 -8.86 4.88 24.84
C TYR B 359 -8.33 5.35 23.49
N VAL B 360 -7.05 5.74 23.46
CA VAL B 360 -6.49 6.34 22.24
C VAL B 360 -5.25 5.60 21.78
N TYR B 361 -5.07 5.54 20.46
CA TYR B 361 -3.84 5.02 19.86
C TYR B 361 -3.41 5.93 18.71
N LEU B 362 -2.27 6.60 18.89
CA LEU B 362 -1.61 7.37 17.84
C LEU B 362 -0.56 6.46 17.21
N HIS B 363 -0.74 6.11 15.95
CA HIS B 363 -0.03 4.98 15.39
C HIS B 363 0.72 5.32 14.12
N ASP B 364 1.61 4.39 13.75
CA ASP B 364 2.35 4.42 12.50
C ASP B 364 2.09 3.03 11.90
N GLY B 365 0.83 2.69 11.71
CA GLY B 365 0.43 1.39 11.22
C GLY B 365 0.35 0.36 12.32
N TYR B 366 -0.34 -0.73 12.02
CA TYR B 366 -0.60 -1.74 13.03
C TYR B 366 0.41 -2.88 13.02
N LEU B 367 1.29 -2.95 12.01
CA LEU B 367 2.35 -3.94 11.98
C LEU B 367 3.49 -3.50 12.89
N ALA B 368 3.74 -4.26 13.94
CA ALA B 368 4.71 -3.84 14.95
C ALA B 368 6.08 -3.56 14.35
N THR B 369 6.55 -4.43 13.45
CA THR B 369 7.90 -4.36 12.94
C THR B 369 8.10 -3.25 11.92
N ASN B 370 7.05 -2.53 11.53
CA ASN B 370 7.17 -1.43 10.58
C ASN B 370 6.70 -0.10 11.16
N SER B 371 6.51 -0.02 12.47
CA SER B 371 6.00 1.17 13.14
C SER B 371 7.10 1.91 13.89
N ALA B 372 7.27 3.20 13.63
CA ALA B 372 8.27 3.97 14.34
C ALA B 372 7.92 4.27 15.80
N VAL B 373 6.70 3.99 16.20
CA VAL B 373 6.27 4.27 17.58
C VAL B 373 6.07 2.98 18.38
N TRP B 374 6.38 1.84 17.76
CA TRP B 374 6.31 0.60 18.49
C TRP B 374 7.24 0.64 19.69
N LEU B 375 6.71 0.27 20.87
CA LEU B 375 7.36 0.26 22.18
C LEU B 375 7.59 1.66 22.74
N HIS B 376 7.12 2.72 22.09
CA HIS B 376 7.41 4.07 22.53
C HIS B 376 6.29 4.66 23.38
N GLN B 377 6.69 5.39 24.40
CA GLN B 377 5.78 6.17 25.22
C GLN B 377 6.10 7.65 25.04
N PHE B 378 5.19 8.39 24.41
CA PHE B 378 5.33 9.84 24.37
C PHE B 378 5.21 10.41 25.78
N ASP B 379 5.87 11.55 26.00
CA ASP B 379 5.81 12.19 27.31
C ASP B 379 4.38 12.52 27.71
N GLN B 380 3.54 12.86 26.74
CA GLN B 380 2.13 13.16 26.98
C GLN B 380 1.37 11.98 27.57
N TYR B 381 1.90 10.77 27.46
CA TYR B 381 1.25 9.60 28.02
C TYR B 381 1.59 9.38 29.49
N LYS B 382 2.63 10.05 29.98
CA LYS B 382 3.12 9.87 31.34
C LYS B 382 2.66 10.95 32.29
N LYS B 383 2.27 12.10 31.78
CA LYS B 383 1.92 13.23 32.63
C LYS B 383 0.56 13.04 33.27
N ALA B 384 0.40 13.61 34.46
CA ALA B 384 -0.86 13.51 35.16
C ALA B 384 -1.97 14.17 34.36
N LEU B 385 -3.06 13.44 34.18
CA LEU B 385 -4.21 13.91 33.41
C LEU B 385 -5.35 14.26 34.34
N GLY B 386 -5.90 13.26 35.03
CA GLY B 386 -6.98 13.48 35.97
C GLY B 386 -8.34 13.50 35.28
N ALA B 387 -9.38 13.39 36.10
CA ALA B 387 -10.72 13.32 35.58
C ALA B 387 -11.16 14.64 34.96
N PRO B 388 -12.05 14.59 33.97
CA PRO B 388 -12.58 15.83 33.41
C PRO B 388 -13.42 16.56 34.44
N LEU B 389 -13.28 17.88 34.45
CA LEU B 389 -14.10 18.71 35.32
C LEU B 389 -15.32 19.28 34.61
N GLY B 390 -15.52 18.94 33.34
CA GLY B 390 -16.72 19.30 32.61
C GLY B 390 -16.59 18.80 31.18
N LYS B 391 -17.72 18.78 30.48
CA LYS B 391 -17.70 18.45 29.07
C LYS B 391 -16.91 19.50 28.29
N ALA B 392 -16.46 19.10 27.10
CA ALA B 392 -15.85 20.07 26.21
C ALA B 392 -16.84 21.18 25.86
N ILE B 393 -16.30 22.37 25.65
CA ILE B 393 -17.06 23.52 25.20
C ILE B 393 -16.60 23.85 23.78
N LYS B 394 -17.55 23.94 22.87
CA LYS B 394 -17.28 24.22 21.47
C LYS B 394 -17.64 25.68 21.15
N ASN B 395 -16.67 26.43 20.64
CA ASN B 395 -16.88 27.82 20.23
C ASN B 395 -16.32 27.93 18.81
N GLY B 396 -17.19 27.74 17.83
CA GLY B 396 -16.71 27.67 16.48
C GLY B 396 -15.99 26.35 16.27
N TYR B 397 -14.78 26.43 15.75
CA TYR B 397 -13.92 25.27 15.58
C TYR B 397 -12.90 25.16 16.70
N ILE B 398 -13.04 25.96 17.75
CA ILE B 398 -12.15 25.96 18.91
C ILE B 398 -12.88 25.29 20.06
N TYR B 399 -12.28 24.24 20.60
CA TYR B 399 -12.82 23.52 21.73
C TYR B 399 -11.89 23.70 22.93
N THR B 400 -12.48 23.75 24.12
CA THR B 400 -11.72 23.69 25.36
C THR B 400 -12.28 22.62 26.28
N ARG B 401 -11.42 22.08 27.13
CA ARG B 401 -11.86 21.18 28.18
C ARG B 401 -10.86 21.16 29.32
N LYS B 402 -11.37 21.10 30.54
CA LYS B 402 -10.55 21.09 31.73
C LYS B 402 -10.57 19.71 32.37
N PHE B 403 -9.40 19.22 32.74
CA PHE B 403 -9.20 18.03 33.56
C PHE B 403 -8.49 18.46 34.84
N GLU B 404 -8.49 17.57 35.83
CA GLU B 404 -7.87 17.91 37.12
C GLU B 404 -6.46 18.45 36.93
N ASN B 405 -5.68 17.86 36.02
CA ASN B 405 -4.27 18.22 35.88
C ASN B 405 -3.92 18.71 34.47
N LEU B 406 -4.91 19.15 33.69
CA LEU B 406 -4.65 19.52 32.31
C LEU B 406 -5.75 20.43 31.81
N ASP B 407 -5.37 21.47 31.09
CA ASP B 407 -6.33 22.26 30.33
C ASP B 407 -6.05 22.06 28.85
N VAL B 408 -7.11 21.74 28.12
CA VAL B 408 -7.00 21.43 26.71
C VAL B 408 -7.54 22.56 25.89
N TRP B 409 -6.77 22.86 24.85
CA TRP B 409 -7.19 23.87 23.92
C TRP B 409 -7.03 23.20 22.58
N LEU B 410 -7.98 23.43 21.69
CA LEU B 410 -7.98 22.80 20.36
C LEU B 410 -8.58 23.72 19.31
N ASN B 411 -7.88 23.91 18.19
CA ASN B 411 -8.40 24.64 17.03
C ASN B 411 -8.37 23.72 15.81
N LEU B 412 -9.54 23.22 15.39
CA LEU B 412 -9.58 22.34 14.24
C LEU B 412 -9.17 23.06 12.97
N GLU B 413 -9.39 24.38 12.90
CA GLU B 413 -9.18 25.08 11.64
C GLU B 413 -7.69 25.16 11.29
N THR B 414 -6.85 25.38 12.29
CA THR B 414 -5.40 25.44 12.11
C THR B 414 -4.72 24.12 12.40
N GLN B 415 -5.47 23.11 12.84
CA GLN B 415 -4.91 21.84 13.29
C GLN B 415 -3.84 22.05 14.35
N THR B 416 -4.17 22.87 15.35
CA THR B 416 -3.29 23.21 16.44
C THR B 416 -3.98 22.91 17.76
N ALA B 417 -3.19 22.52 18.74
CA ALA B 417 -3.71 22.40 20.09
C ALA B 417 -2.64 22.82 21.08
N THR B 418 -3.10 23.25 22.25
CA THR B 418 -2.26 23.56 23.38
C THR B 418 -2.72 22.70 24.56
N LEU B 419 -1.81 21.90 25.09
CA LEU B 419 -2.03 21.12 26.30
C LEU B 419 -1.26 21.80 27.42
N THR B 420 -1.98 22.38 28.39
CA THR B 420 -1.37 23.03 29.54
C THR B 420 -1.44 22.07 30.72
N TRP B 421 -0.34 21.35 30.94
CA TRP B 421 -0.27 20.40 32.03
C TRP B 421 0.01 21.12 33.33
N LYS B 422 -0.60 20.65 34.42
CA LYS B 422 -0.23 21.06 35.77
C LYS B 422 0.74 20.04 36.33
C5 X6Y C . 8.46 -1.32 -9.88
C6 X6Y C . 8.58 -1.54 -11.39
C2 X6Y C . 9.12 -2.39 -7.31
C4 X6Y C . 7.56 -2.35 -9.18
C3 X6Y C . 7.71 -2.22 -7.71
C1 X6Y C . 9.98 -1.31 -7.97
O5 X6Y C . 9.85 -1.37 -9.41
O4 X6Y C . 7.94 -3.66 -9.52
O1 X6Y C . 9.56 -0.07 -7.51
O3 X6Y C . 6.88 -3.15 -7.01
S1 X6Y C . 10.40 -3.28 -5.20
O6 X6Y C . 11.78 -2.67 -5.37
O7 X6Y C . 10.30 -4.64 -5.77
O8 X6Y C . 10.02 -3.20 -3.75
O2 X6Y C . 9.28 -2.31 -5.92
H5 X6Y C . 7.99 -0.37 -9.67
H61 X6Y C . 9.26 -0.81 -11.82
H63 X6Y C . 8.96 -2.55 -11.59
H62 X6Y C . 7.59 -1.43 -11.85
H2 X6Y C . 9.44 -3.38 -7.61
H4 X6Y C . 6.54 -2.19 -9.50
H3 X6Y C . 7.36 -1.24 -7.40
H1 X6Y C . 11.03 -1.45 -7.70
HO4 X6Y C . 7.48 -3.92 -10.30
HO1 X6Y C . 9.34 -0.14 -6.60
C5 X2Y C . 6.57 -2.38 -4.26
C4 X2Y C . 5.43 -3.27 -3.79
C3 X2Y C . 5.03 -4.22 -4.85
C2 X2Y C . 4.65 -3.49 -6.09
C1 X2Y C . 5.73 -2.48 -6.52
O5 X2Y C . 6.11 -1.62 -5.41
C6 X2Y C . 6.99 -1.36 -3.20
O3 X2Y C . 3.94 -4.98 -4.39
S1 X2Y C . 3.35 -3.95 -8.29
O6 X2Y C . 3.76 -2.63 -8.82
O7 X2Y C . 3.49 -5.07 -9.26
O8 X2Y C . 2.06 -3.81 -7.58
O2 X2Y C . 4.46 -4.39 -7.14
S2 X2Y C . 3.73 -2.40 -1.95
O9 X2Y C . 4.79 -2.71 -0.95
O10 X2Y C . 3.13 -1.01 -1.87
O11 X2Y C . 2.67 -3.47 -1.82
O4 X2Y C . 4.33 -2.44 -3.47
H5 X2Y C . 7.43 -3.00 -4.45
H4 X2Y C . 5.74 -3.84 -2.91
H3 X2Y C . 5.84 -4.89 -5.10
H2 X2Y C . 3.72 -2.96 -5.90
H1 X2Y C . 5.34 -1.88 -7.34
H61 X2Y C . 7.86 -0.81 -3.55
H63 X2Y C . 7.22 -1.88 -2.27
H62 X2Y C . 6.17 -0.66 -3.02
C1 FUC C . 4.22 -6.33 -4.08
C2 FUC C . 3.31 -6.76 -2.93
C3 FUC C . 1.89 -6.74 -3.33
C4 FUC C . 1.63 -7.61 -4.49
C5 FUC C . 2.53 -7.17 -5.65
C6 FUC C . 2.43 -8.10 -6.84
O2 FUC C . 3.59 -5.93 -1.83
O3 FUC C . 1.07 -7.14 -2.24
O4 FUC C . 1.89 -8.94 -4.15
O5 FUC C . 3.93 -7.18 -5.22
H1 FUC C . 5.26 -6.38 -3.85
H2 FUC C . 3.53 -7.77 -2.61
H3 FUC C . 1.62 -5.72 -3.58
H4 FUC C . 0.60 -7.55 -4.78
H5 FUC C . 2.20 -6.20 -5.96
H61 FUC C . 3.08 -8.96 -6.69
H62 FUC C . 2.75 -7.57 -7.74
H63 FUC C . 1.40 -8.44 -6.96
HO2 FUC C . 4.49 -5.62 -1.88
HO3 FUC C . 0.22 -7.39 -2.58
HO4 FUC C . 1.70 -9.07 -3.24
C5 X6Y D . -8.66 -1.78 10.24
C6 X6Y D . -8.73 -2.01 11.77
C2 X6Y D . -9.26 -2.88 7.68
C4 X6Y D . -7.71 -2.76 9.55
C3 X6Y D . -7.86 -2.63 8.07
C1 X6Y D . -10.17 -1.84 8.32
O5 X6Y D . -10.03 -1.85 9.77
O4 X6Y D . -8.03 -4.08 9.90
O1 X6Y D . -9.77 -0.59 7.82
O3 X6Y D . -6.99 -3.52 7.39
S1 X6Y D . -10.48 -3.74 5.53
O6 X6Y D . -10.03 -3.70 4.09
O7 X6Y D . -11.89 -3.24 5.76
O8 X6Y D . -10.29 -5.12 6.09
O2 X6Y D . -9.40 -2.77 6.29
H5 X6Y D . -8.21 -0.80 10.05
H61 X6Y D . -9.54 -1.42 12.18
H63 X6Y D . -8.92 -3.07 11.96
H62 X6Y D . -7.79 -1.73 12.23
H2 X6Y D . -9.53 -3.89 7.97
H4 X6Y D . -6.70 -2.57 9.87
H3 X6Y D . -7.56 -1.64 7.77
H1 X6Y D . -11.21 -2.02 8.07
HO4 X6Y D . -7.59 -4.30 10.71
HO1 X6Y D . -10.49 0.01 7.87
C5 X2Y D . -6.63 -2.73 4.62
C4 X2Y D . -5.45 -3.58 4.14
C3 X2Y D . -5.06 -4.53 5.21
C2 X2Y D . -4.75 -3.80 6.46
C1 X2Y D . -5.86 -2.83 6.90
O5 X2Y D . -6.23 -1.96 5.80
C6 X2Y D . -7.08 -1.72 3.56
O3 X2Y D . -3.90 -5.25 4.79
S1 X2Y D . -3.48 -4.27 8.68
O6 X2Y D . -3.89 -2.94 9.25
O7 X2Y D . -3.52 -5.41 9.66
O8 X2Y D . -2.12 -4.10 8.03
O2 X2Y D . -4.57 -4.71 7.51
S2 X2Y D . -3.74 -2.60 2.39
O9 X2Y D . -3.28 -1.18 2.25
O10 X2Y D . -2.60 -3.57 2.27
O11 X2Y D . -4.82 -2.80 1.36
O4 X2Y D . -4.37 -2.73 3.90
H5 X2Y D . -7.47 -3.37 4.82
H4 X2Y D . -5.72 -4.10 3.24
H3 X2Y D . -5.85 -5.26 5.36
H2 X2Y D . -3.84 -3.25 6.26
H1 X2Y D . -5.48 -2.25 7.74
H61 X2Y D . -6.29 -0.99 3.38
H63 X2Y D . -7.30 -2.24 2.63
H62 X2Y D . -7.98 -1.20 3.89
C1 FUC D . -4.13 -6.60 4.44
C2 FUC D . -3.17 -7.00 3.30
C3 FUC D . -1.77 -6.89 3.73
C4 FUC D . -1.50 -7.76 4.89
C5 FUC D . -2.44 -7.37 6.03
C6 FUC D . -2.30 -8.33 7.20
O2 FUC D . -3.44 -6.18 2.18
O3 FUC D . -0.92 -7.25 2.66
O4 FUC D . -1.70 -9.09 4.51
O5 FUC D . -3.84 -7.45 5.59
H1 FUC D . -5.16 -6.67 4.13
H2 FUC D . -3.35 -8.02 3.00
H3 FUC D . -1.55 -5.86 3.99
H4 FUC D . -0.47 -7.67 5.23
H5 FUC D . -2.19 -6.38 6.36
H61 FUC D . -1.25 -8.59 7.33
H62 FUC D . -2.88 -9.24 7.01
H63 FUC D . -2.67 -7.85 8.10
HO2 FUC D . -4.31 -5.84 2.24
HO3 FUC D . -0.44 -8.03 2.88
HO4 FUC D . -1.21 -9.66 5.10
#